data_8QH7
#
_entry.id   8QH7
#
_cell.length_a   63.233
_cell.length_b   116.449
_cell.length_c   190.047
_cell.angle_alpha   90.000
_cell.angle_beta   90.000
_cell.angle_gamma   90.000
#
_symmetry.space_group_name_H-M   'P 21 21 21'
#
loop_
_entity.id
_entity.type
_entity.pdbx_description
1 polymer 'NADH-quinone oxidoreductase subunit E'
2 polymer 'NADH-quinone oxidoreductase subunit F'
3 non-polymer 'FE2/S2 (INORGANIC) CLUSTER'
4 non-polymer 'SULFATE ION'
5 non-polymer 'SODIUM ION'
6 non-polymer 'IRON/SULFUR CLUSTER'
7 non-polymer 1-DEOXY-1-(7,8-DIMETHYL-2,4-DIOXO-3,4-DIHYDRO-2H-BENZO[G]PTERIDIN-1-ID-10(5H)-YL)-5-O-PHOSPHONATO-D-RIBITOL
8 non-polymer 'ACETYL PYRIDINE ADENINE DINUCLEOTIDE, REDUCED'
9 non-polymer GLYCEROL
10 non-polymer 2-[BIS-(2-HYDROXY-ETHYL)-AMINO]-2-HYDROXYMETHYL-PROPANE-1,3-DIOL
11 water water
#
loop_
_entity_poly.entity_id
_entity_poly.type
_entity_poly.pdbx_seq_one_letter_code
_entity_poly.pdbx_strand_id
1 'polypeptide(L)'
;MFKTEFEFPEELKTKLQEHINYFPKKRQAILLCLHEIQNYYGYIPPESLKPLADMLELPLNHVEGVVAFYDMFDREDKAK
YRIRVCVSIVCHLMGTNKLLKALENILGIKPGEVTPDGKFKIVPVQCLGACSEAPVFMVNDDEYKFESEVQLNEILSRYT
;
A,C
2 'polypeptide(L)'
;MRSYPAIPRIYAETTLNMLLKRAKKPRVHSIDEYLKDGGYQALEKALNMSPEEIIDWVDKSTLRGRGGAGFPTGKKWKFA
VQNPGPRYFICNADESEPGTFKDRIIIERDPHLLIEGIIISSYAIGANEAYIYIRGEYPAGYYILRDAIEEAKKKGFLGK
NILGSGFDLEIYVARGAGAYICGEETALIESLEGKRGHPRLKPPYPVQKGLWGKPTVVNNVETIANVPFIISMGWEEYRY
IGPSDYAGPKLFPVSGKVKKPGVYELPMNTTLREVIFKYAGGTLGNKKVKAVFSGALDCFSSEELDIPMDYSPLGFGGTG
TVIVLTEEDDIVEAALKIAEFYEHETCGQCTPCRVGCYEQANLLEKIYKGEATEQDWEGFDFVNRNIQPTSICGLGAVAG
RLIRQTLEKFPEEWEKYRKKSASLPLAGHHHHHH
;
B,D
#
loop_
_chem_comp.id
_chem_comp.type
_chem_comp.name
_chem_comp.formula
AP0 non-polymer 'ACETYL PYRIDINE ADENINE DINUCLEOTIDE, REDUCED' 'C22 H30 N6 O14 P2'
BTB non-polymer 2-[BIS-(2-HYDROXY-ETHYL)-AMINO]-2-HYDROXYMETHYL-PROPANE-1,3-DIOL 'C8 H19 N O5'
FES non-polymer 'FE2/S2 (INORGANIC) CLUSTER' 'Fe2 S2'
FNR non-polymer 1-DEOXY-1-(7,8-DIMETHYL-2,4-DIOXO-3,4-DIHYDRO-2H-BENZO[G]PTERIDIN-1-ID-10(5H)-YL)-5-O-PHOSPHONATO-D-RIBITOL 'C17 H23 N4 O9 P'
GOL non-polymer GLYCEROL 'C3 H8 O3'
NA non-polymer 'SODIUM ION' 'Na 1'
SF4 non-polymer 'IRON/SULFUR CLUSTER' 'Fe4 S4'
SO4 non-polymer 'SULFATE ION' 'O4 S -2'
#
# COMPACT_ATOMS: atom_id res chain seq x y z
N GLU A 5 7.08 42.06 14.40
CA GLU A 5 6.06 40.98 14.55
C GLU A 5 6.67 39.64 14.18
N PHE A 6 6.14 38.55 14.76
CA PHE A 6 6.64 37.21 14.54
C PHE A 6 5.93 36.57 13.35
N GLU A 7 6.73 35.97 12.45
CA GLU A 7 6.22 35.17 11.35
C GLU A 7 6.99 33.85 11.28
N PHE A 8 6.29 32.79 10.86
CA PHE A 8 6.90 31.50 10.65
C PHE A 8 7.76 31.53 9.38
N PRO A 9 9.01 31.02 9.41
CA PRO A 9 9.80 30.87 8.19
C PRO A 9 9.06 29.93 7.23
N GLU A 10 9.24 30.14 5.93
CA GLU A 10 8.38 29.52 4.94
C GLU A 10 8.51 28.00 5.01
N GLU A 11 9.71 27.50 5.29
CA GLU A 11 9.95 26.07 5.36
C GLU A 11 9.13 25.46 6.49
N LEU A 12 8.99 26.17 7.63
CA LEU A 12 8.17 25.70 8.74
C LEU A 12 6.68 25.88 8.42
N LYS A 13 6.31 27.07 7.93
CA LYS A 13 4.92 27.39 7.62
C LYS A 13 4.33 26.35 6.66
N THR A 14 5.14 25.94 5.68
CA THR A 14 4.76 24.93 4.71
C THR A 14 4.40 23.62 5.39
N LYS A 15 5.24 23.17 6.34
CA LYS A 15 5.01 21.93 7.06
C LYS A 15 3.74 22.03 7.91
N LEU A 16 3.53 23.18 8.55
CA LEU A 16 2.36 23.42 9.38
C LEU A 16 1.10 23.32 8.51
N GLN A 17 1.17 23.87 7.30
CA GLN A 17 0.02 23.87 6.40
C GLN A 17 -0.32 22.44 5.96
N GLU A 18 0.69 21.58 5.80
CA GLU A 18 0.46 20.18 5.44
C GLU A 18 -0.36 19.49 6.55
N HIS A 19 0.07 19.66 7.81
CA HIS A 19 -0.65 19.10 8.95
C HIS A 19 -2.08 19.61 9.00
N ILE A 20 -2.24 20.93 8.84
CA ILE A 20 -3.56 21.54 8.93
C ILE A 20 -4.47 21.03 7.81
N ASN A 21 -3.91 20.66 6.65
CA ASN A 21 -4.70 20.16 5.54
C ASN A 21 -4.94 18.65 5.62
N TYR A 22 -4.24 17.97 6.56
CA TYR A 22 -4.20 16.52 6.65
C TYR A 22 -5.52 15.96 7.19
N PHE A 23 -5.95 16.45 8.35
CA PHE A 23 -7.18 15.99 8.96
C PHE A 23 -8.37 16.66 8.28
N PRO A 24 -9.58 16.10 8.44
CA PRO A 24 -10.80 16.75 7.94
C PRO A 24 -11.09 18.13 8.50
N LYS A 25 -10.74 18.39 9.77
CA LYS A 25 -10.93 19.71 10.40
C LYS A 25 -9.58 20.29 10.82
N LYS A 26 -9.40 21.59 10.62
CA LYS A 26 -8.12 22.25 10.83
C LYS A 26 -7.65 22.06 12.27
N ARG A 27 -8.58 22.18 13.23
CA ARG A 27 -8.21 22.23 14.64
C ARG A 27 -7.61 20.91 15.12
N GLN A 28 -7.84 19.80 14.40
CA GLN A 28 -7.32 18.50 14.80
C GLN A 28 -5.79 18.43 14.67
N ALA A 29 -5.20 19.37 13.90
CA ALA A 29 -3.76 19.36 13.64
C ALA A 29 -2.94 20.04 14.75
N ILE A 30 -3.59 20.50 15.83
CA ILE A 30 -2.95 21.36 16.81
C ILE A 30 -1.68 20.73 17.40
N LEU A 31 -1.72 19.45 17.81
CA LEU A 31 -0.57 18.81 18.42
C LEU A 31 0.54 18.55 17.40
N LEU A 32 0.18 18.13 16.17
CA LEU A 32 1.18 17.91 15.12
C LEU A 32 1.92 19.21 14.83
N CYS A 33 1.18 20.34 14.80
CA CYS A 33 1.76 21.65 14.56
C CYS A 33 2.74 22.04 15.66
N LEU A 34 2.35 21.80 16.92
CA LEU A 34 3.16 22.18 18.07
C LEU A 34 4.44 21.31 18.15
N HIS A 35 4.32 20.03 17.81
CA HIS A 35 5.49 19.17 17.64
C HIS A 35 6.45 19.77 16.61
N GLU A 36 5.90 20.20 15.47
CA GLU A 36 6.69 20.75 14.38
C GLU A 36 7.41 22.01 14.84
N ILE A 37 6.68 22.88 15.57
CA ILE A 37 7.24 24.12 16.08
C ILE A 37 8.39 23.82 17.03
N GLN A 38 8.19 22.86 17.94
CA GLN A 38 9.21 22.53 18.93
C GLN A 38 10.42 21.87 18.25
N ASN A 39 10.17 21.08 17.20
CA ASN A 39 11.25 20.52 16.42
C ASN A 39 12.12 21.62 15.82
N TYR A 40 11.50 22.68 15.29
CA TYR A 40 12.19 23.72 14.54
C TYR A 40 13.03 24.61 15.47
N TYR A 41 12.43 25.02 16.60
CA TYR A 41 13.01 26.07 17.44
C TYR A 41 13.74 25.48 18.65
N GLY A 42 13.53 24.20 18.96
CA GLY A 42 14.07 23.57 20.15
C GLY A 42 13.24 23.87 21.41
N TYR A 43 12.06 24.48 21.21
CA TYR A 43 11.08 24.77 22.24
C TYR A 43 9.85 25.39 21.57
N ILE A 44 8.82 25.72 22.35
CA ILE A 44 7.68 26.49 21.86
C ILE A 44 7.91 27.97 22.19
N PRO A 45 8.30 28.84 21.23
CA PRO A 45 8.37 30.28 21.50
C PRO A 45 6.98 30.84 21.75
N PRO A 46 6.73 31.52 22.89
CA PRO A 46 5.44 32.15 23.17
C PRO A 46 4.82 32.94 22.03
N GLU A 47 5.68 33.62 21.25
CA GLU A 47 5.24 34.48 20.15
C GLU A 47 4.66 33.64 19.01
N SER A 48 5.05 32.35 18.93
CA SER A 48 4.59 31.48 17.87
C SER A 48 3.11 31.14 17.99
N LEU A 49 2.51 31.33 19.18
CA LEU A 49 1.20 30.77 19.47
C LEU A 49 0.09 31.55 18.78
N LYS A 50 0.24 32.88 18.67
CA LYS A 50 -0.82 33.70 18.08
C LYS A 50 -0.95 33.39 16.59
N PRO A 51 0.15 33.39 15.79
CA PRO A 51 0.08 32.96 14.40
C PRO A 51 -0.47 31.54 14.18
N LEU A 52 -0.09 30.60 15.06
CA LEU A 52 -0.60 29.24 14.95
C LEU A 52 -2.10 29.19 15.20
N ALA A 53 -2.55 29.91 16.23
CA ALA A 53 -3.98 30.04 16.51
C ALA A 53 -4.71 30.51 15.26
N ASP A 54 -4.17 31.54 14.59
CA ASP A 54 -4.79 32.08 13.39
C ASP A 54 -4.88 31.01 12.31
N MET A 55 -3.82 30.20 12.16
CA MET A 55 -3.75 29.18 11.12
C MET A 55 -4.76 28.07 11.40
N LEU A 56 -4.99 27.78 12.69
CA LEU A 56 -5.92 26.74 13.14
C LEU A 56 -7.35 27.25 13.25
N GLU A 57 -7.54 28.57 13.16
CA GLU A 57 -8.84 29.21 13.34
C GLU A 57 -9.38 28.90 14.73
N LEU A 58 -8.48 28.96 15.72
CA LEU A 58 -8.81 28.78 17.13
C LEU A 58 -8.48 30.07 17.87
N PRO A 59 -9.15 30.36 19.02
CA PRO A 59 -8.73 31.46 19.88
C PRO A 59 -7.34 31.16 20.49
N LEU A 60 -6.59 32.22 20.77
CA LEU A 60 -5.25 32.09 21.34
C LEU A 60 -5.29 31.36 22.67
N ASN A 61 -6.25 31.69 23.56
CA ASN A 61 -6.27 31.08 24.88
C ASN A 61 -6.53 29.58 24.79
N HIS A 62 -7.21 29.13 23.72
CA HIS A 62 -7.35 27.70 23.45
C HIS A 62 -5.97 27.08 23.22
N VAL A 63 -5.20 27.66 22.30
CA VAL A 63 -3.88 27.16 21.96
C VAL A 63 -2.99 27.18 23.21
N GLU A 64 -3.03 28.28 23.98
CA GLU A 64 -2.22 28.41 25.18
C GLU A 64 -2.52 27.30 26.17
N GLY A 65 -3.81 26.99 26.37
CA GLY A 65 -4.22 25.97 27.33
C GLY A 65 -3.75 24.58 26.91
N VAL A 66 -3.76 24.34 25.59
CA VAL A 66 -3.29 23.08 25.05
C VAL A 66 -1.79 22.94 25.25
N VAL A 67 -1.01 24.01 25.01
CA VAL A 67 0.42 23.92 25.22
C VAL A 67 0.70 23.61 26.69
N ALA A 68 -0.03 24.27 27.60
CA ALA A 68 0.14 24.11 29.03
C ALA A 68 -0.18 22.68 29.46
N PHE A 69 -1.16 22.05 28.81
CA PHE A 69 -1.67 20.75 29.24
C PHE A 69 -0.70 19.62 28.91
N TYR A 70 -0.04 19.70 27.74
CA TYR A 70 0.67 18.56 27.20
C TYR A 70 2.15 18.68 27.56
N ASP A 71 2.62 17.68 28.32
CA ASP A 71 3.90 17.75 29.03
C ASP A 71 5.09 17.71 28.07
N MET A 72 4.92 17.24 26.83
CA MET A 72 6.05 17.17 25.91
C MET A 72 6.49 18.57 25.48
N PHE A 73 5.57 19.54 25.48
CA PHE A 73 5.87 20.88 25.02
C PHE A 73 6.52 21.71 26.13
N ASP A 74 7.52 22.52 25.72
CA ASP A 74 8.36 23.28 26.63
C ASP A 74 8.43 24.72 26.12
N ARG A 75 7.90 25.66 26.91
CA ARG A 75 7.91 27.07 26.55
C ARG A 75 9.06 27.81 27.22
N GLU A 76 9.79 27.13 28.12
CA GLU A 76 10.81 27.76 28.95
C GLU A 76 12.18 27.69 28.29
N ASP A 77 12.64 26.47 27.97
CA ASP A 77 14.04 26.24 27.68
C ASP A 77 14.24 25.77 26.25
N LYS A 78 15.09 26.49 25.51
CA LYS A 78 15.59 26.05 24.21
C LYS A 78 16.63 24.96 24.45
N ALA A 79 16.53 23.86 23.71
CA ALA A 79 17.54 22.81 23.72
C ALA A 79 17.54 22.08 22.39
N LYS A 80 18.74 21.85 21.84
CA LYS A 80 18.86 21.16 20.57
C LYS A 80 18.46 19.70 20.76
N TYR A 81 18.88 19.09 21.87
CA TYR A 81 18.61 17.69 22.14
C TYR A 81 17.98 17.52 23.52
N ARG A 82 16.79 16.90 23.56
CA ARG A 82 16.14 16.56 24.82
C ARG A 82 16.43 15.11 25.20
N ILE A 83 17.16 14.94 26.29
CA ILE A 83 17.43 13.64 26.88
C ILE A 83 16.29 13.31 27.85
N ARG A 84 15.29 12.54 27.37
CA ARG A 84 14.18 12.12 28.22
C ARG A 84 14.59 10.87 28.99
N VAL A 85 14.56 10.98 30.32
CA VAL A 85 14.96 9.90 31.21
C VAL A 85 13.72 9.41 31.94
N CYS A 86 13.41 8.11 31.79
CA CYS A 86 12.26 7.55 32.46
C CYS A 86 12.52 7.39 33.96
N VAL A 87 11.59 7.88 34.79
CA VAL A 87 11.72 7.86 36.24
C VAL A 87 10.62 7.01 36.87
N SER A 88 9.89 6.22 36.06
CA SER A 88 8.79 5.42 36.56
C SER A 88 9.32 4.09 37.13
N ILE A 89 8.38 3.26 37.60
CA ILE A 89 8.66 2.13 38.49
C ILE A 89 9.73 1.20 37.91
N VAL A 90 9.61 0.70 36.67
CA VAL A 90 10.52 -0.33 36.21
C VAL A 90 11.94 0.23 36.06
N CYS A 91 12.07 1.38 35.39
CA CYS A 91 13.39 1.98 35.21
C CYS A 91 14.00 2.33 36.56
N HIS A 92 13.17 2.77 37.53
CA HIS A 92 13.66 3.05 38.86
C HIS A 92 14.27 1.79 39.47
N LEU A 93 13.55 0.67 39.39
CA LEU A 93 14.02 -0.63 39.88
C LEU A 93 15.32 -1.06 39.21
N MET A 94 15.50 -0.76 37.92
CA MET A 94 16.56 -1.34 37.12
C MET A 94 17.74 -0.39 36.88
N GLY A 95 17.65 0.88 37.31
CA GLY A 95 18.84 1.74 37.39
C GLY A 95 18.71 3.16 36.83
N THR A 96 17.54 3.80 36.96
CA THR A 96 17.39 5.21 36.59
C THR A 96 18.49 6.06 37.24
N ASN A 97 18.78 5.83 38.53
CA ASN A 97 19.72 6.69 39.24
C ASN A 97 21.13 6.54 38.69
N LYS A 98 21.47 5.34 38.18
CA LYS A 98 22.77 5.11 37.58
C LYS A 98 22.91 5.90 36.28
N LEU A 99 21.84 5.88 35.47
CA LEU A 99 21.74 6.67 34.25
C LEU A 99 21.86 8.17 34.54
N LEU A 100 21.12 8.69 35.53
CA LEU A 100 21.21 10.11 35.88
C LEU A 100 22.63 10.48 36.29
N LYS A 101 23.29 9.60 37.06
CA LYS A 101 24.64 9.87 37.53
C LYS A 101 25.60 9.95 36.35
N ALA A 102 25.50 8.97 35.43
CA ALA A 102 26.32 8.94 34.22
C ALA A 102 26.13 10.22 33.41
N LEU A 103 24.87 10.68 33.30
CA LEU A 103 24.57 11.88 32.56
C LEU A 103 25.22 13.08 33.23
N GLU A 104 25.20 13.12 34.55
CA GLU A 104 25.83 14.22 35.27
C GLU A 104 27.35 14.20 35.07
N ASN A 105 27.96 13.02 35.09
CA ASN A 105 29.39 12.86 34.89
C ASN A 105 29.82 13.36 33.51
N ILE A 106 29.06 13.04 32.47
CA ILE A 106 29.39 13.39 31.09
C ILE A 106 29.11 14.87 30.84
N LEU A 107 27.91 15.36 31.21
CA LEU A 107 27.37 16.62 30.72
C LEU A 107 27.39 17.71 31.79
N GLY A 108 27.41 17.31 33.08
CA GLY A 108 27.50 18.25 34.19
C GLY A 108 26.15 18.84 34.59
N ILE A 109 25.05 18.18 34.18
CA ILE A 109 23.72 18.68 34.47
C ILE A 109 22.86 17.59 35.08
N LYS A 110 21.81 18.06 35.78
CA LYS A 110 20.85 17.23 36.47
C LYS A 110 19.50 17.37 35.76
N PRO A 111 18.48 16.55 36.13
CA PRO A 111 17.15 16.70 35.53
C PRO A 111 16.60 18.12 35.66
N GLY A 112 15.96 18.59 34.57
CA GLY A 112 15.42 19.94 34.52
C GLY A 112 16.40 20.98 33.97
N GLU A 113 17.69 20.65 33.84
CA GLU A 113 18.70 21.65 33.52
C GLU A 113 19.15 21.51 32.07
N VAL A 114 19.74 22.60 31.53
CA VAL A 114 20.28 22.66 30.17
C VAL A 114 21.78 22.93 30.23
N THR A 115 22.56 22.27 29.36
CA THR A 115 23.99 22.53 29.28
C THR A 115 24.22 23.99 28.87
N PRO A 116 25.39 24.59 29.21
CA PRO A 116 25.61 26.02 28.99
C PRO A 116 25.58 26.41 27.50
N ASP A 117 25.93 25.45 26.63
CA ASP A 117 25.93 25.64 25.18
C ASP A 117 24.52 25.50 24.60
N GLY A 118 23.51 25.18 25.42
CA GLY A 118 22.16 25.00 24.94
C GLY A 118 21.94 23.69 24.15
N LYS A 119 22.88 22.74 24.24
CA LYS A 119 22.87 21.56 23.42
C LYS A 119 21.93 20.48 23.98
N PHE A 120 22.01 20.22 25.29
CA PHE A 120 21.31 19.12 25.92
C PHE A 120 20.43 19.61 27.06
N LYS A 121 19.18 19.14 27.13
CA LYS A 121 18.35 19.29 28.31
C LYS A 121 17.90 17.92 28.82
N ILE A 122 18.06 17.67 30.13
CA ILE A 122 17.57 16.43 30.72
C ILE A 122 16.13 16.66 31.19
N VAL A 123 15.23 15.82 30.67
CA VAL A 123 13.81 15.88 30.93
C VAL A 123 13.39 14.58 31.62
N PRO A 124 13.00 14.62 32.91
CA PRO A 124 12.44 13.44 33.57
C PRO A 124 11.03 13.16 33.03
N VAL A 125 10.77 11.91 32.63
CA VAL A 125 9.50 11.55 32.03
C VAL A 125 8.96 10.30 32.70
N GLN A 126 7.67 10.07 32.51
CA GLN A 126 6.99 8.86 32.96
C GLN A 126 7.24 7.74 31.95
N CYS A 127 6.86 6.51 32.34
CA CYS A 127 7.07 5.27 31.59
C CYS A 127 6.98 5.49 30.09
N LEU A 128 8.07 5.14 29.40
CA LEU A 128 8.21 5.31 27.95
C LEU A 128 7.79 4.07 27.16
N GLY A 129 7.22 3.06 27.84
CA GLY A 129 6.77 1.85 27.16
C GLY A 129 7.93 1.09 26.50
N ALA A 130 9.06 0.96 27.20
CA ALA A 130 10.14 0.06 26.79
C ALA A 130 10.77 -0.61 28.02
N CYS A 131 9.91 -1.03 28.96
CA CYS A 131 10.31 -1.32 30.33
C CYS A 131 11.24 -2.55 30.40
N SER A 132 11.13 -3.46 29.42
CA SER A 132 12.01 -4.64 29.36
C SER A 132 13.46 -4.24 29.10
N GLU A 133 13.66 -3.03 28.59
CA GLU A 133 14.96 -2.50 28.22
C GLU A 133 15.36 -1.38 29.20
N ALA A 134 14.81 -1.46 30.42
CA ALA A 134 15.10 -0.48 31.46
C ALA A 134 16.57 -0.55 31.88
N PRO A 135 17.19 0.58 32.28
CA PRO A 135 16.57 1.91 32.26
C PRO A 135 16.62 2.59 30.89
N VAL A 136 15.50 3.24 30.52
CA VAL A 136 15.28 3.77 29.18
C VAL A 136 15.51 5.29 29.14
N PHE A 137 16.12 5.77 28.05
CA PHE A 137 16.10 7.18 27.74
C PHE A 137 15.91 7.42 26.24
N MET A 138 15.47 8.65 25.92
CA MET A 138 15.40 9.09 24.54
C MET A 138 16.39 10.24 24.34
N VAL A 139 16.90 10.38 23.12
CA VAL A 139 17.59 11.59 22.70
C VAL A 139 16.83 12.12 21.49
N ASN A 140 16.05 13.19 21.70
CA ASN A 140 14.97 13.56 20.79
C ASN A 140 14.15 12.31 20.49
N ASP A 141 14.08 11.89 19.21
CA ASP A 141 13.18 10.82 18.81
C ASP A 141 13.84 9.44 18.98
N ASP A 142 15.16 9.39 19.14
CA ASP A 142 15.85 8.12 19.30
C ASP A 142 15.71 7.63 20.74
N GLU A 143 15.58 6.30 20.91
CA GLU A 143 15.35 5.70 22.22
C GLU A 143 16.30 4.52 22.45
N TYR A 144 16.78 4.41 23.69
CA TYR A 144 17.91 3.54 24.02
C TYR A 144 17.76 2.95 25.42
N LYS A 145 18.25 1.72 25.60
CA LYS A 145 18.59 1.20 26.92
C LYS A 145 19.93 1.77 27.36
N PHE A 146 20.00 2.25 28.61
CA PHE A 146 21.27 2.58 29.24
C PHE A 146 21.96 1.31 29.71
N GLU A 147 23.23 1.13 29.30
CA GLU A 147 24.05 -0.01 29.72
C GLU A 147 25.12 0.42 30.73
N SER A 148 25.80 1.55 30.47
CA SER A 148 26.91 2.01 31.29
C SER A 148 27.31 3.43 30.86
N GLU A 149 28.18 4.07 31.63
CA GLU A 149 28.63 5.41 31.31
C GLU A 149 29.43 5.43 30.00
N VAL A 150 30.33 4.46 29.78
CA VAL A 150 31.14 4.41 28.57
C VAL A 150 30.23 4.30 27.34
N GLN A 151 29.18 3.47 27.45
CA GLN A 151 28.23 3.27 26.36
C GLN A 151 27.41 4.53 26.12
N LEU A 152 26.95 5.17 27.20
CA LEU A 152 26.16 6.39 27.11
C LEU A 152 26.98 7.48 26.44
N ASN A 153 28.27 7.56 26.79
CA ASN A 153 29.17 8.56 26.24
C ASN A 153 29.26 8.42 24.72
N GLU A 154 29.33 7.16 24.24
CA GLU A 154 29.43 6.90 22.82
C GLU A 154 28.13 7.29 22.11
N ILE A 155 26.98 6.97 22.71
CA ILE A 155 25.68 7.33 22.16
C ILE A 155 25.60 8.85 21.99
N LEU A 156 25.96 9.59 23.05
CA LEU A 156 25.81 11.05 23.06
C LEU A 156 26.78 11.70 22.08
N SER A 157 27.92 11.06 21.80
CA SER A 157 28.90 11.61 20.87
C SER A 157 28.34 11.73 19.44
N ARG A 158 27.24 11.02 19.15
CA ARG A 158 26.63 11.03 17.83
C ARG A 158 25.73 12.24 17.61
N TYR A 159 25.42 12.98 18.69
CA TYR A 159 24.59 14.17 18.61
C TYR A 159 25.50 15.39 18.72
N THR A 160 25.63 16.15 17.61
CA THR A 160 26.62 17.19 17.46
C THR A 160 25.97 18.56 17.30
N SER B 3 14.33 5.15 6.78
CA SER B 3 15.10 5.30 8.04
C SER B 3 14.23 5.85 9.17
N TYR B 4 14.27 5.18 10.32
CA TYR B 4 13.41 5.53 11.43
C TYR B 4 14.27 5.77 12.66
N PRO B 5 13.75 6.54 13.65
CA PRO B 5 14.46 6.72 14.92
C PRO B 5 14.79 5.39 15.60
N ALA B 6 15.86 5.41 16.41
CA ALA B 6 16.29 4.23 17.13
C ALA B 6 15.19 3.74 18.06
N ILE B 7 14.96 2.43 18.06
CA ILE B 7 14.03 1.76 18.97
C ILE B 7 14.81 0.66 19.68
N PRO B 8 14.68 0.48 21.01
CA PRO B 8 15.30 -0.66 21.70
C PRO B 8 14.73 -1.95 21.11
N ARG B 9 15.55 -3.01 21.03
CA ARG B 9 15.13 -4.28 20.47
C ARG B 9 14.55 -5.15 21.58
N ILE B 10 13.27 -4.94 21.86
CA ILE B 10 12.55 -5.67 22.89
C ILE B 10 12.45 -7.13 22.44
N TYR B 11 12.80 -8.04 23.36
CA TYR B 11 12.67 -9.47 23.10
C TYR B 11 11.20 -9.86 23.00
N ALA B 12 10.89 -10.74 22.01
CA ALA B 12 9.53 -11.21 21.81
C ALA B 12 9.58 -12.70 21.48
N GLU B 13 8.60 -13.44 22.02
CA GLU B 13 8.56 -14.90 21.92
C GLU B 13 7.10 -15.32 21.85
N THR B 14 6.79 -16.34 21.04
CA THR B 14 5.42 -16.79 20.87
C THR B 14 5.34 -18.31 20.85
N THR B 15 4.29 -18.84 21.50
CA THR B 15 3.92 -20.24 21.35
C THR B 15 2.80 -20.41 20.32
N LEU B 16 2.24 -19.30 19.80
CA LEU B 16 1.07 -19.37 18.93
C LEU B 16 1.37 -18.91 17.49
N ASN B 17 2.40 -18.08 17.30
CA ASN B 17 2.81 -17.63 15.99
C ASN B 17 1.67 -16.90 15.25
N MET B 18 1.01 -15.98 15.94
CA MET B 18 -0.08 -15.21 15.34
C MET B 18 0.31 -13.72 15.33
N LEU B 19 -0.01 -13.00 16.42
CA LEU B 19 0.34 -11.59 16.54
C LEU B 19 1.85 -11.37 16.41
N LEU B 20 2.67 -12.33 16.85
CA LEU B 20 4.11 -12.16 16.80
C LEU B 20 4.76 -12.99 15.70
N LYS B 21 3.98 -13.45 14.70
CA LYS B 21 4.56 -14.26 13.63
C LYS B 21 5.72 -13.51 12.95
N ARG B 22 5.51 -12.21 12.66
CA ARG B 22 6.57 -11.37 12.13
C ARG B 22 7.19 -10.54 13.25
N ALA B 23 6.38 -10.07 14.20
CA ALA B 23 6.84 -9.10 15.19
C ALA B 23 7.77 -9.72 16.25
N LYS B 24 7.98 -11.04 16.20
CA LYS B 24 9.02 -11.66 17.02
C LYS B 24 10.42 -11.27 16.52
N LYS B 25 10.52 -10.78 15.28
CA LYS B 25 11.79 -10.29 14.76
C LYS B 25 11.81 -8.77 14.88
N PRO B 26 12.85 -8.16 15.49
CA PRO B 26 12.82 -6.73 15.82
C PRO B 26 13.17 -5.80 14.67
N ARG B 27 12.27 -5.74 13.68
CA ARG B 27 12.47 -4.90 12.52
C ARG B 27 11.11 -4.63 11.90
N VAL B 28 11.06 -3.59 11.06
CA VAL B 28 9.88 -3.25 10.27
C VAL B 28 9.68 -4.30 9.17
N HIS B 29 8.48 -4.89 9.14
CA HIS B 29 8.04 -5.75 8.05
C HIS B 29 7.13 -4.94 7.14
N SER B 30 7.57 -4.70 5.90
CA SER B 30 6.82 -3.87 4.97
C SER B 30 5.80 -4.71 4.20
N ILE B 31 5.04 -4.07 3.31
CA ILE B 31 3.83 -4.68 2.79
C ILE B 31 4.15 -5.93 1.98
N ASP B 32 5.27 -5.96 1.24
CA ASP B 32 5.60 -7.13 0.43
C ASP B 32 5.79 -8.37 1.30
N GLU B 33 6.52 -8.23 2.41
CA GLU B 33 6.72 -9.33 3.34
C GLU B 33 5.38 -9.75 3.95
N TYR B 34 4.54 -8.76 4.27
CA TYR B 34 3.22 -9.04 4.82
C TYR B 34 2.39 -9.81 3.82
N LEU B 35 2.42 -9.39 2.54
CA LEU B 35 1.67 -10.05 1.48
C LEU B 35 2.17 -11.48 1.23
N LYS B 36 3.48 -11.69 1.34
CA LYS B 36 4.08 -13.02 1.16
C LYS B 36 3.49 -14.00 2.18
N ASP B 37 3.15 -13.50 3.38
CA ASP B 37 2.61 -14.32 4.45
C ASP B 37 1.09 -14.42 4.39
N GLY B 38 0.47 -13.99 3.27
CA GLY B 38 -0.96 -14.11 3.10
C GLY B 38 -1.73 -12.89 3.61
N GLY B 39 -1.00 -11.82 3.97
CA GLY B 39 -1.60 -10.59 4.45
C GLY B 39 -2.62 -10.01 3.47
N TYR B 40 -3.64 -9.39 4.05
CA TYR B 40 -4.69 -8.65 3.36
C TYR B 40 -5.68 -9.59 2.66
N GLN B 41 -5.45 -10.91 2.73
CA GLN B 41 -6.42 -11.86 2.22
C GLN B 41 -7.63 -11.95 3.14
N ALA B 42 -7.43 -11.73 4.46
CA ALA B 42 -8.55 -11.65 5.38
C ALA B 42 -9.45 -10.46 5.02
N LEU B 43 -8.85 -9.30 4.69
CA LEU B 43 -9.61 -8.15 4.27
C LEU B 43 -10.44 -8.46 3.02
N GLU B 44 -9.83 -9.11 2.03
CA GLU B 44 -10.54 -9.46 0.82
C GLU B 44 -11.73 -10.35 1.14
N LYS B 45 -11.53 -11.33 2.01
CA LYS B 45 -12.59 -12.22 2.48
C LYS B 45 -13.68 -11.40 3.18
N ALA B 46 -13.28 -10.50 4.08
CA ALA B 46 -14.20 -9.67 4.84
C ALA B 46 -15.11 -8.84 3.93
N LEU B 47 -14.52 -8.24 2.87
CA LEU B 47 -15.28 -7.36 1.99
C LEU B 47 -16.31 -8.15 1.17
N ASN B 48 -16.18 -9.48 1.10
CA ASN B 48 -17.18 -10.32 0.45
C ASN B 48 -18.23 -10.81 1.45
N MET B 49 -18.09 -10.41 2.72
CA MET B 49 -19.08 -10.69 3.76
C MET B 49 -19.84 -9.39 4.02
N SER B 50 -21.03 -9.49 4.64
CA SER B 50 -21.74 -8.31 5.11
C SER B 50 -21.09 -7.80 6.40
N PRO B 51 -21.17 -6.49 6.72
CA PRO B 51 -20.73 -5.98 8.03
C PRO B 51 -21.32 -6.74 9.23
N GLU B 52 -22.61 -7.10 9.13
CA GLU B 52 -23.34 -7.77 10.19
C GLU B 52 -22.72 -9.13 10.48
N GLU B 53 -22.37 -9.85 9.40
CA GLU B 53 -21.67 -11.12 9.49
C GLU B 53 -20.35 -10.95 10.25
N ILE B 54 -19.58 -9.93 9.89
CA ILE B 54 -18.27 -9.71 10.49
C ILE B 54 -18.42 -9.46 11.99
N ILE B 55 -19.42 -8.65 12.36
CA ILE B 55 -19.73 -8.39 13.76
C ILE B 55 -20.05 -9.71 14.46
N ASP B 56 -20.86 -10.56 13.79
CA ASP B 56 -21.27 -11.83 14.35
C ASP B 56 -20.04 -12.69 14.67
N TRP B 57 -19.10 -12.76 13.72
CA TRP B 57 -17.89 -13.58 13.89
C TRP B 57 -17.05 -13.04 15.04
N VAL B 58 -16.90 -11.72 15.12
CA VAL B 58 -16.09 -11.13 16.17
C VAL B 58 -16.73 -11.40 17.53
N ASP B 59 -18.07 -11.32 17.60
CA ASP B 59 -18.81 -11.64 18.81
C ASP B 59 -18.54 -13.09 19.22
N LYS B 60 -18.78 -14.04 18.32
CA LYS B 60 -18.69 -15.46 18.63
C LYS B 60 -17.26 -15.91 18.93
N SER B 61 -16.26 -15.11 18.52
CA SER B 61 -14.85 -15.43 18.76
C SER B 61 -14.51 -15.36 20.26
N THR B 62 -15.30 -14.58 21.02
CA THR B 62 -15.08 -14.29 22.43
C THR B 62 -14.01 -13.22 22.63
N LEU B 63 -13.53 -12.58 21.54
CA LEU B 63 -12.55 -11.51 21.65
C LEU B 63 -13.03 -10.49 22.69
N ARG B 64 -12.17 -10.21 23.66
CA ARG B 64 -12.41 -9.19 24.67
C ARG B 64 -11.32 -8.12 24.55
N GLY B 65 -11.67 -6.91 25.01
CA GLY B 65 -10.79 -5.76 24.86
C GLY B 65 -9.43 -5.96 25.53
N ARG B 66 -8.37 -5.81 24.73
CA ARG B 66 -7.02 -6.07 25.18
C ARG B 66 -6.38 -4.81 25.76
N GLY B 67 -7.13 -3.70 25.76
CA GLY B 67 -6.63 -2.46 26.35
C GLY B 67 -6.59 -2.53 27.87
N GLY B 68 -7.27 -3.53 28.47
CA GLY B 68 -7.18 -3.76 29.90
C GLY B 68 -8.52 -4.08 30.59
N ALA B 69 -9.64 -3.58 30.07
CA ALA B 69 -10.93 -3.75 30.73
C ALA B 69 -11.63 -5.04 30.29
N GLY B 70 -11.26 -5.60 29.13
CA GLY B 70 -11.82 -6.87 28.70
C GLY B 70 -13.28 -6.82 28.24
N PHE B 71 -13.76 -5.66 27.77
CA PHE B 71 -15.12 -5.56 27.27
C PHE B 71 -15.26 -6.37 25.98
N PRO B 72 -16.33 -7.18 25.81
CA PRO B 72 -16.52 -7.98 24.61
C PRO B 72 -16.59 -7.11 23.36
N THR B 73 -15.70 -7.38 22.40
CA THR B 73 -15.47 -6.49 21.27
C THR B 73 -16.68 -6.45 20.33
N GLY B 74 -17.18 -7.63 19.95
CA GLY B 74 -18.33 -7.70 19.05
C GLY B 74 -19.54 -6.95 19.60
N LYS B 75 -19.73 -7.07 20.92
CA LYS B 75 -20.85 -6.43 21.59
C LYS B 75 -20.67 -4.91 21.53
N LYS B 76 -19.43 -4.42 21.71
CA LYS B 76 -19.16 -3.00 21.58
C LYS B 76 -19.59 -2.52 20.20
N TRP B 77 -19.21 -3.28 19.15
CA TRP B 77 -19.53 -2.94 17.77
C TRP B 77 -21.04 -2.89 17.54
N LYS B 78 -21.75 -3.89 18.07
CA LYS B 78 -23.20 -3.96 17.96
C LYS B 78 -23.89 -2.74 18.58
N PHE B 79 -23.40 -2.28 19.73
CA PHE B 79 -23.91 -1.07 20.35
C PHE B 79 -23.75 0.12 19.41
N ALA B 80 -22.57 0.23 18.75
CA ALA B 80 -22.32 1.34 17.84
C ALA B 80 -23.32 1.34 16.69
N VAL B 81 -23.51 0.17 16.06
CA VAL B 81 -24.21 0.12 14.78
C VAL B 81 -25.73 0.22 14.97
N GLN B 82 -26.22 0.19 16.22
CA GLN B 82 -27.65 0.40 16.40
C GLN B 82 -27.94 1.90 16.39
N ASN B 83 -26.89 2.74 16.37
CA ASN B 83 -27.05 4.20 16.34
C ASN B 83 -26.78 4.73 14.92
N PRO B 84 -27.52 5.77 14.48
CA PRO B 84 -27.33 6.32 13.13
C PRO B 84 -25.92 6.89 12.93
N GLY B 85 -25.44 6.77 11.68
CA GLY B 85 -24.13 7.27 11.31
C GLY B 85 -24.13 8.76 10.99
N PRO B 86 -22.99 9.34 10.52
CA PRO B 86 -21.77 8.59 10.30
C PRO B 86 -21.15 8.06 11.60
N ARG B 87 -20.34 7.01 11.47
CA ARG B 87 -19.63 6.43 12.60
C ARG B 87 -18.14 6.52 12.36
N TYR B 88 -17.39 6.51 13.47
CA TYR B 88 -15.93 6.60 13.42
C TYR B 88 -15.33 5.40 14.14
N PHE B 89 -14.14 5.00 13.66
CA PHE B 89 -13.37 3.93 14.27
C PHE B 89 -12.05 4.50 14.75
N ILE B 90 -11.71 4.26 16.02
CA ILE B 90 -10.47 4.78 16.60
C ILE B 90 -9.65 3.61 17.13
N CYS B 91 -8.40 3.54 16.66
CA CYS B 91 -7.38 2.65 17.22
C CYS B 91 -6.62 3.39 18.31
N ASN B 92 -6.69 2.88 19.53
CA ASN B 92 -6.02 3.48 20.67
C ASN B 92 -4.62 2.91 20.77
N ALA B 93 -3.63 3.73 20.39
CA ALA B 93 -2.21 3.38 20.47
C ALA B 93 -1.50 4.33 21.44
N ASP B 94 -2.20 4.72 22.53
CA ASP B 94 -1.60 5.66 23.47
C ASP B 94 -0.71 4.95 24.49
N GLU B 95 -0.80 3.61 24.55
CA GLU B 95 -0.08 2.73 25.47
C GLU B 95 0.94 3.48 26.36
N SER B 96 0.53 3.78 27.60
CA SER B 96 1.37 4.54 28.52
C SER B 96 1.34 3.98 29.94
N GLU B 97 0.63 2.87 30.17
CA GLU B 97 0.62 2.20 31.47
C GLU B 97 2.02 1.73 31.82
N PRO B 98 2.52 1.98 33.05
CA PRO B 98 3.81 1.42 33.47
C PRO B 98 3.91 -0.08 33.17
N GLY B 99 5.09 -0.47 32.66
CA GLY B 99 5.39 -1.87 32.35
C GLY B 99 4.78 -2.37 31.04
N THR B 100 4.05 -1.49 30.34
CA THR B 100 3.25 -1.94 29.20
C THR B 100 3.90 -1.50 27.89
N PHE B 101 4.32 -2.50 27.09
CA PHE B 101 5.00 -2.29 25.81
C PHE B 101 4.60 -3.36 24.79
N LYS B 102 3.39 -3.94 24.94
CA LYS B 102 2.87 -4.97 24.07
C LYS B 102 2.43 -4.38 22.73
N ASP B 103 1.80 -3.20 22.74
CA ASP B 103 1.18 -2.65 21.54
C ASP B 103 2.24 -2.13 20.57
N ARG B 104 3.33 -1.57 21.10
CA ARG B 104 4.31 -0.90 20.25
C ARG B 104 5.03 -1.91 19.34
N ILE B 105 5.17 -3.17 19.79
CA ILE B 105 5.91 -4.10 18.94
C ILE B 105 5.06 -4.49 17.72
N ILE B 106 3.72 -4.51 17.84
CA ILE B 106 2.86 -4.69 16.67
C ILE B 106 3.04 -3.49 15.73
N ILE B 107 2.89 -2.29 16.27
CA ILE B 107 2.98 -1.05 15.51
C ILE B 107 4.28 -0.98 14.73
N GLU B 108 5.40 -1.23 15.42
CA GLU B 108 6.71 -0.89 14.90
C GLU B 108 7.29 -2.00 14.03
N ARG B 109 6.76 -3.24 14.15
CA ARG B 109 7.32 -4.39 13.47
C ARG B 109 6.37 -4.96 12.43
N ASP B 110 5.06 -4.91 12.69
CA ASP B 110 4.11 -5.53 11.78
C ASP B 110 2.93 -4.59 11.59
N PRO B 111 3.17 -3.33 11.16
CA PRO B 111 2.12 -2.31 11.09
C PRO B 111 0.93 -2.72 10.25
N HIS B 112 1.15 -3.55 9.22
CA HIS B 112 0.08 -3.98 8.33
C HIS B 112 -0.92 -4.89 9.04
N LEU B 113 -0.48 -5.61 10.07
CA LEU B 113 -1.43 -6.42 10.83
C LEU B 113 -2.47 -5.51 11.47
N LEU B 114 -2.00 -4.41 12.05
CA LEU B 114 -2.89 -3.46 12.70
C LEU B 114 -3.76 -2.78 11.64
N ILE B 115 -3.16 -2.37 10.52
CA ILE B 115 -3.88 -1.65 9.49
C ILE B 115 -4.99 -2.52 8.93
N GLU B 116 -4.67 -3.79 8.61
CA GLU B 116 -5.65 -4.72 8.08
C GLU B 116 -6.81 -4.85 9.04
N GLY B 117 -6.49 -5.01 10.35
CA GLY B 117 -7.51 -5.06 11.39
C GLY B 117 -8.40 -3.82 11.43
N ILE B 118 -7.80 -2.63 11.25
CA ILE B 118 -8.55 -1.38 11.31
C ILE B 118 -9.51 -1.32 10.14
N ILE B 119 -9.04 -1.74 8.95
CA ILE B 119 -9.86 -1.67 7.75
C ILE B 119 -11.06 -2.60 7.92
N ILE B 120 -10.83 -3.84 8.38
CA ILE B 120 -11.92 -4.78 8.55
C ILE B 120 -12.91 -4.26 9.60
N SER B 121 -12.40 -3.77 10.74
CA SER B 121 -13.25 -3.29 11.82
C SER B 121 -14.11 -2.10 11.37
N SER B 122 -13.51 -1.18 10.60
CA SER B 122 -14.16 0.01 10.10
C SER B 122 -15.30 -0.37 9.16
N TYR B 123 -15.04 -1.36 8.29
CA TYR B 123 -16.06 -1.87 7.41
C TYR B 123 -17.23 -2.46 8.20
N ALA B 124 -16.90 -3.27 9.22
CA ALA B 124 -17.87 -3.93 10.08
C ALA B 124 -18.86 -2.92 10.68
N ILE B 125 -18.38 -1.74 11.09
CA ILE B 125 -19.24 -0.78 11.76
C ILE B 125 -19.68 0.36 10.85
N GLY B 126 -19.30 0.32 9.57
CA GLY B 126 -19.74 1.32 8.61
C GLY B 126 -19.02 2.66 8.76
N ALA B 127 -17.77 2.64 9.27
CA ALA B 127 -16.99 3.85 9.40
C ALA B 127 -16.13 4.06 8.16
N ASN B 128 -16.17 5.27 7.59
CA ASN B 128 -15.40 5.63 6.41
C ASN B 128 -14.19 6.48 6.80
N GLU B 129 -14.07 6.80 8.09
CA GLU B 129 -12.98 7.59 8.61
C GLU B 129 -12.53 6.91 9.90
N ALA B 130 -11.24 6.57 9.96
CA ALA B 130 -10.66 5.92 11.12
C ALA B 130 -9.44 6.71 11.57
N TYR B 131 -9.07 6.53 12.85
CA TYR B 131 -7.91 7.20 13.40
C TYR B 131 -7.02 6.19 14.11
N ILE B 132 -5.72 6.45 14.06
CA ILE B 132 -4.81 5.91 15.06
C ILE B 132 -4.33 7.08 15.92
N TYR B 133 -4.55 6.99 17.23
CA TYR B 133 -3.99 7.98 18.14
C TYR B 133 -2.80 7.33 18.83
N ILE B 134 -1.59 7.74 18.46
CA ILE B 134 -0.38 7.14 19.00
C ILE B 134 0.30 8.14 19.92
N ARG B 135 0.79 7.66 21.07
CA ARG B 135 1.40 8.56 22.04
C ARG B 135 2.57 9.27 21.37
N GLY B 136 2.82 10.51 21.81
CA GLY B 136 3.90 11.33 21.29
C GLY B 136 5.29 10.71 21.50
N GLU B 137 5.44 9.88 22.53
CA GLU B 137 6.74 9.30 22.87
C GLU B 137 7.03 8.03 22.05
N TYR B 138 6.17 7.75 21.06
CA TYR B 138 6.42 6.71 20.07
C TYR B 138 6.60 7.34 18.70
N PRO B 139 7.63 8.19 18.49
CA PRO B 139 7.82 8.86 17.20
C PRO B 139 8.09 7.89 16.06
N ALA B 140 8.86 6.83 16.33
CA ALA B 140 9.18 5.85 15.31
C ALA B 140 7.91 5.12 14.86
N GLY B 141 7.07 4.72 15.84
CA GLY B 141 5.79 4.08 15.56
C GLY B 141 4.93 4.94 14.63
N TYR B 142 4.99 6.26 14.85
CA TYR B 142 4.24 7.21 14.04
C TYR B 142 4.75 7.22 12.59
N TYR B 143 6.07 7.34 12.39
CA TYR B 143 6.61 7.39 11.02
C TYR B 143 6.39 6.05 10.31
N ILE B 144 6.50 4.95 11.04
CA ILE B 144 6.31 3.61 10.49
C ILE B 144 4.86 3.43 10.02
N LEU B 145 3.89 3.89 10.82
CA LEU B 145 2.48 3.79 10.48
C LEU B 145 2.16 4.67 9.26
N ARG B 146 2.67 5.90 9.23
CA ARG B 146 2.43 6.80 8.09
C ARG B 146 2.91 6.15 6.77
N ASP B 147 4.10 5.56 6.80
CA ASP B 147 4.70 4.90 5.64
C ASP B 147 3.87 3.67 5.24
N ALA B 148 3.49 2.87 6.24
CA ALA B 148 2.68 1.68 6.03
C ALA B 148 1.32 2.04 5.41
N ILE B 149 0.70 3.12 5.87
CA ILE B 149 -0.58 3.51 5.33
C ILE B 149 -0.42 3.88 3.86
N GLU B 150 0.67 4.55 3.49
CA GLU B 150 0.92 4.88 2.09
C GLU B 150 1.11 3.61 1.25
N GLU B 151 1.80 2.59 1.81
CA GLU B 151 1.95 1.32 1.12
C GLU B 151 0.58 0.68 0.87
N ALA B 152 -0.30 0.73 1.88
CA ALA B 152 -1.65 0.17 1.77
C ALA B 152 -2.45 0.90 0.68
N LYS B 153 -2.29 2.24 0.61
N LYS B 153 -2.30 2.23 0.61
CA LYS B 153 -2.94 3.03 -0.43
CA LYS B 153 -2.95 3.02 -0.43
C LYS B 153 -2.46 2.60 -1.82
C LYS B 153 -2.46 2.58 -1.81
N LYS B 154 -1.14 2.46 -1.98
CA LYS B 154 -0.52 2.03 -3.23
C LYS B 154 -1.15 0.71 -3.73
N LYS B 155 -1.44 -0.21 -2.80
CA LYS B 155 -1.89 -1.55 -3.13
C LYS B 155 -3.42 -1.62 -3.16
N GLY B 156 -4.10 -0.49 -2.92
CA GLY B 156 -5.55 -0.38 -3.08
C GLY B 156 -6.34 -0.94 -1.90
N PHE B 157 -5.75 -0.98 -0.71
CA PHE B 157 -6.43 -1.46 0.48
C PHE B 157 -7.06 -0.30 1.26
N LEU B 158 -6.71 0.93 0.87
CA LEU B 158 -7.33 2.14 1.39
C LEU B 158 -7.71 3.07 0.24
N GLY B 159 -8.52 4.09 0.56
CA GLY B 159 -9.04 5.02 -0.42
C GLY B 159 -10.50 4.74 -0.70
N LYS B 160 -10.97 5.18 -1.87
CA LYS B 160 -12.35 4.98 -2.28
C LYS B 160 -12.51 3.61 -2.94
N ASN B 161 -13.69 3.02 -2.74
CA ASN B 161 -14.11 1.86 -3.50
C ASN B 161 -13.03 0.77 -3.38
N ILE B 162 -12.71 0.40 -2.14
CA ILE B 162 -11.61 -0.53 -1.89
C ILE B 162 -11.94 -1.88 -2.53
N LEU B 163 -11.11 -2.27 -3.52
CA LEU B 163 -11.17 -3.54 -4.21
C LEU B 163 -12.55 -3.78 -4.83
N GLY B 164 -13.17 -2.69 -5.30
CA GLY B 164 -14.46 -2.76 -5.98
C GLY B 164 -15.64 -3.00 -5.04
N SER B 165 -15.43 -2.86 -3.72
CA SER B 165 -16.43 -3.21 -2.74
C SER B 165 -17.47 -2.10 -2.58
N GLY B 166 -17.13 -0.89 -3.02
CA GLY B 166 -17.92 0.29 -2.71
C GLY B 166 -17.62 0.87 -1.32
N PHE B 167 -16.74 0.24 -0.54
CA PHE B 167 -16.37 0.73 0.78
C PHE B 167 -15.19 1.72 0.69
N ASP B 168 -15.36 2.90 1.31
CA ASP B 168 -14.35 3.93 1.32
C ASP B 168 -13.76 4.05 2.73
N LEU B 169 -12.43 4.17 2.83
CA LEU B 169 -11.81 4.42 4.13
C LEU B 169 -10.54 5.26 4.00
N GLU B 170 -10.41 6.26 4.90
CA GLU B 170 -9.15 6.96 5.18
C GLU B 170 -8.77 6.72 6.63
N ILE B 171 -7.47 6.45 6.87
CA ILE B 171 -6.93 6.31 8.22
C ILE B 171 -6.02 7.51 8.49
N TYR B 172 -6.33 8.28 9.54
CA TYR B 172 -5.55 9.44 9.92
C TYR B 172 -4.73 9.09 11.15
N VAL B 173 -3.45 9.48 11.19
CA VAL B 173 -2.59 9.21 12.34
C VAL B 173 -2.40 10.50 13.13
N ALA B 174 -2.90 10.50 14.37
CA ALA B 174 -2.72 11.61 15.30
C ALA B 174 -1.65 11.23 16.32
N ARG B 175 -0.98 12.25 16.87
CA ARG B 175 0.04 12.06 17.88
C ARG B 175 -0.41 12.72 19.18
N GLY B 176 -0.21 12.00 20.29
CA GLY B 176 -0.26 12.55 21.63
C GLY B 176 0.92 13.49 21.89
N ALA B 177 0.94 14.10 23.08
CA ALA B 177 2.00 15.02 23.42
C ALA B 177 2.26 15.04 24.92
N GLY B 178 2.12 13.87 25.58
CA GLY B 178 2.69 13.66 26.91
C GLY B 178 1.71 13.23 28.01
N ALA B 179 0.42 13.10 27.70
CA ALA B 179 -0.61 12.87 28.71
C ALA B 179 -1.10 11.42 28.67
N TYR B 180 -0.87 10.70 29.77
CA TYR B 180 -1.39 9.36 30.02
C TYR B 180 -2.90 9.32 29.88
N ILE B 181 -3.56 10.39 30.34
CA ILE B 181 -5.01 10.42 30.40
C ILE B 181 -5.60 10.39 29.00
N CYS B 182 -4.83 10.75 27.96
CA CYS B 182 -5.33 10.76 26.59
C CYS B 182 -5.51 9.35 26.02
N GLY B 183 -5.12 8.32 26.77
CA GLY B 183 -5.48 6.95 26.44
C GLY B 183 -6.85 6.55 26.97
N GLU B 184 -7.41 7.34 27.91
CA GLU B 184 -8.79 7.14 28.31
C GLU B 184 -9.63 7.54 27.09
N GLU B 185 -10.58 6.69 26.70
CA GLU B 185 -11.17 6.78 25.36
C GLU B 185 -11.83 8.15 25.11
N THR B 186 -12.41 8.78 26.16
CA THR B 186 -13.12 10.03 25.97
C THR B 186 -12.13 11.21 25.94
N ALA B 187 -11.06 11.15 26.74
CA ALA B 187 -10.00 12.15 26.65
C ALA B 187 -9.29 12.05 25.29
N LEU B 188 -9.15 10.82 24.78
CA LEU B 188 -8.52 10.58 23.49
C LEU B 188 -9.34 11.32 22.43
N ILE B 189 -10.66 11.15 22.50
CA ILE B 189 -11.57 11.81 21.56
C ILE B 189 -11.46 13.33 21.70
N GLU B 190 -11.45 13.86 22.93
CA GLU B 190 -11.27 15.30 23.12
C GLU B 190 -9.97 15.79 22.46
N SER B 191 -8.89 14.99 22.56
CA SER B 191 -7.61 15.34 21.97
C SER B 191 -7.69 15.31 20.44
N LEU B 192 -8.40 14.33 19.87
CA LEU B 192 -8.58 14.24 18.44
C LEU B 192 -9.35 15.46 17.93
N GLU B 193 -10.19 16.05 18.78
CA GLU B 193 -10.99 17.21 18.43
C GLU B 193 -10.17 18.51 18.60
N GLY B 194 -8.92 18.40 19.05
CA GLY B 194 -8.03 19.55 19.11
C GLY B 194 -7.99 20.21 20.50
N LYS B 195 -8.45 19.49 21.53
CA LYS B 195 -8.59 20.08 22.85
C LYS B 195 -7.68 19.36 23.85
N ARG B 196 -7.67 19.89 25.07
CA ARG B 196 -7.08 19.23 26.22
C ARG B 196 -7.73 17.86 26.42
N GLY B 197 -6.93 16.91 26.93
CA GLY B 197 -7.39 15.57 27.19
C GLY B 197 -8.17 15.44 28.51
N HIS B 198 -9.41 15.94 28.49
CA HIS B 198 -10.31 15.89 29.64
C HIS B 198 -11.36 14.82 29.38
N PRO B 199 -11.38 13.72 30.16
CA PRO B 199 -12.45 12.72 30.06
C PRO B 199 -13.84 13.32 30.20
N ARG B 200 -14.80 12.75 29.46
CA ARG B 200 -16.20 13.09 29.54
C ARG B 200 -16.90 12.15 30.51
N LEU B 201 -17.94 12.67 31.17
CA LEU B 201 -18.90 11.86 31.91
C LEU B 201 -19.45 10.77 30.98
N LYS B 202 -19.42 9.53 31.49
CA LYS B 202 -19.98 8.37 30.83
C LYS B 202 -21.00 7.73 31.76
N PRO B 203 -22.17 7.24 31.28
CA PRO B 203 -22.59 7.36 29.88
C PRO B 203 -22.89 8.82 29.51
N PRO B 204 -22.97 9.15 28.20
CA PRO B 204 -22.87 8.16 27.12
C PRO B 204 -21.48 7.58 26.87
N TYR B 205 -21.47 6.33 26.41
CA TYR B 205 -20.27 5.67 25.91
C TYR B 205 -19.98 6.17 24.49
N PRO B 206 -18.71 6.11 24.02
CA PRO B 206 -18.38 6.57 22.67
C PRO B 206 -19.27 6.01 21.57
N VAL B 207 -19.73 4.75 21.74
CA VAL B 207 -20.51 4.06 20.71
C VAL B 207 -21.88 4.72 20.52
N GLN B 208 -22.34 5.47 21.53
CA GLN B 208 -23.54 6.28 21.41
C GLN B 208 -23.16 7.70 20.99
N LYS B 209 -22.14 8.28 21.64
CA LYS B 209 -21.75 9.67 21.41
C LYS B 209 -20.24 9.82 21.60
N GLY B 210 -19.52 10.07 20.50
CA GLY B 210 -18.07 10.06 20.52
C GLY B 210 -17.47 11.28 19.80
N LEU B 211 -16.66 11.00 18.77
CA LEU B 211 -16.00 12.02 17.98
C LEU B 211 -17.06 12.84 17.24
N TRP B 212 -17.04 14.17 17.47
CA TRP B 212 -18.02 15.10 16.94
C TRP B 212 -19.44 14.67 17.33
N GLY B 213 -19.56 13.96 18.45
CA GLY B 213 -20.84 13.51 18.98
C GLY B 213 -21.47 12.33 18.23
N LYS B 214 -20.72 11.69 17.32
CA LYS B 214 -21.24 10.61 16.50
C LYS B 214 -20.84 9.26 17.10
N PRO B 215 -21.56 8.15 16.78
CA PRO B 215 -21.16 6.82 17.24
C PRO B 215 -19.71 6.52 16.89
N THR B 216 -18.93 6.12 17.90
CA THR B 216 -17.50 5.91 17.76
C THR B 216 -17.11 4.65 18.53
N VAL B 217 -16.37 3.74 17.87
CA VAL B 217 -15.75 2.60 18.53
C VAL B 217 -14.29 2.98 18.80
N VAL B 218 -13.88 2.83 20.07
CA VAL B 218 -12.47 2.84 20.42
C VAL B 218 -12.08 1.41 20.77
N ASN B 219 -11.00 0.94 20.14
CA ASN B 219 -10.42 -0.35 20.44
C ASN B 219 -8.90 -0.21 20.52
N ASN B 220 -8.32 -1.05 21.38
CA ASN B 220 -6.89 -1.12 21.61
C ASN B 220 -6.21 -1.78 20.41
N VAL B 221 -4.95 -1.39 20.16
CA VAL B 221 -4.08 -1.95 19.13
C VAL B 221 -4.17 -3.48 19.08
N GLU B 222 -3.90 -4.12 20.22
CA GLU B 222 -3.86 -5.58 20.30
C GLU B 222 -5.22 -6.18 19.96
N THR B 223 -6.31 -5.56 20.44
CA THR B 223 -7.64 -6.04 20.12
C THR B 223 -7.78 -6.13 18.59
N ILE B 224 -7.44 -5.01 17.94
CA ILE B 224 -7.67 -4.84 16.51
C ILE B 224 -6.81 -5.85 15.73
N ALA B 225 -5.61 -6.14 16.24
CA ALA B 225 -4.68 -7.05 15.59
C ALA B 225 -5.23 -8.48 15.55
N ASN B 226 -6.24 -8.78 16.38
CA ASN B 226 -6.85 -10.10 16.39
C ASN B 226 -7.83 -10.27 15.22
N VAL B 227 -8.37 -9.15 14.73
CA VAL B 227 -9.51 -9.20 13.82
C VAL B 227 -9.14 -9.95 12.54
N PRO B 228 -7.97 -9.73 11.89
CA PRO B 228 -7.61 -10.51 10.70
C PRO B 228 -7.60 -12.03 10.88
N PHE B 229 -7.18 -12.50 12.06
CA PHE B 229 -7.16 -13.92 12.39
C PHE B 229 -8.57 -14.49 12.50
N ILE B 230 -9.49 -13.75 13.13
CA ILE B 230 -10.85 -14.21 13.30
C ILE B 230 -11.47 -14.47 11.92
N ILE B 231 -11.24 -13.54 10.98
CA ILE B 231 -11.80 -13.66 9.64
C ILE B 231 -11.08 -14.76 8.87
N SER B 232 -9.74 -14.80 8.94
CA SER B 232 -8.95 -15.76 8.19
C SER B 232 -9.28 -17.20 8.62
N MET B 233 -9.28 -17.45 9.93
CA MET B 233 -9.45 -18.79 10.50
C MET B 233 -10.93 -19.15 10.61
N GLY B 234 -11.79 -18.13 10.74
CA GLY B 234 -13.16 -18.32 11.20
C GLY B 234 -13.24 -18.30 12.72
N TRP B 235 -14.42 -17.97 13.26
CA TRP B 235 -14.54 -17.73 14.69
C TRP B 235 -14.36 -19.03 15.48
N GLU B 236 -14.81 -20.16 14.92
CA GLU B 236 -14.72 -21.45 15.60
C GLU B 236 -13.27 -21.86 15.81
N GLU B 237 -12.45 -21.80 14.74
CA GLU B 237 -11.05 -22.14 14.82
C GLU B 237 -10.31 -21.21 15.78
N TYR B 238 -10.65 -19.91 15.73
CA TYR B 238 -10.02 -18.93 16.62
C TYR B 238 -10.32 -19.32 18.07
N ARG B 239 -11.55 -19.80 18.32
CA ARG B 239 -12.02 -20.13 19.66
C ARG B 239 -11.36 -21.41 20.20
N TYR B 240 -10.72 -22.21 19.32
CA TYR B 240 -9.94 -23.36 19.75
C TYR B 240 -8.65 -22.93 20.43
N ILE B 241 -8.23 -21.68 20.23
CA ILE B 241 -7.00 -21.18 20.82
C ILE B 241 -7.24 -20.83 22.28
N GLY B 242 -6.49 -21.50 23.16
CA GLY B 242 -6.62 -21.26 24.59
C GLY B 242 -7.93 -21.82 25.13
N PRO B 243 -8.37 -21.39 26.33
CA PRO B 243 -9.61 -21.87 26.92
C PRO B 243 -10.80 -21.25 26.18
N SER B 244 -11.88 -22.01 26.05
CA SER B 244 -12.99 -21.64 25.18
C SER B 244 -13.73 -20.41 25.71
N ASP B 245 -13.60 -20.08 27.00
CA ASP B 245 -14.31 -18.93 27.55
C ASP B 245 -13.47 -17.66 27.48
N TYR B 246 -12.13 -17.80 27.26
CA TYR B 246 -11.24 -16.66 27.11
C TYR B 246 -10.25 -16.96 25.99
N ALA B 247 -10.75 -16.96 24.75
CA ALA B 247 -10.04 -17.55 23.64
C ALA B 247 -9.14 -16.54 22.95
N GLY B 248 -8.16 -17.08 22.20
CA GLY B 248 -7.31 -16.27 21.34
C GLY B 248 -5.92 -16.06 21.93
N PRO B 249 -4.97 -15.57 21.10
CA PRO B 249 -3.64 -15.20 21.60
C PRO B 249 -3.73 -14.00 22.53
N LYS B 250 -2.79 -13.91 23.48
CA LYS B 250 -2.64 -12.70 24.28
C LYS B 250 -1.16 -12.34 24.42
N LEU B 251 -0.87 -11.03 24.40
CA LEU B 251 0.48 -10.53 24.59
C LEU B 251 0.69 -10.17 26.05
N PHE B 252 1.82 -10.61 26.58
CA PHE B 252 2.17 -10.37 27.97
C PHE B 252 3.50 -9.64 28.01
N PRO B 253 3.55 -8.33 28.32
CA PRO B 253 4.82 -7.63 28.47
C PRO B 253 5.35 -7.84 29.89
N VAL B 254 6.51 -8.50 29.97
CA VAL B 254 7.11 -8.88 31.24
C VAL B 254 8.39 -8.07 31.45
N SER B 255 8.52 -7.44 32.64
CA SER B 255 9.68 -6.63 32.96
C SER B 255 10.05 -6.77 34.44
N GLY B 256 11.10 -6.04 34.85
CA GLY B 256 11.60 -6.10 36.20
C GLY B 256 12.59 -7.24 36.35
N LYS B 257 12.48 -7.98 37.46
CA LYS B 257 13.54 -8.88 37.88
C LYS B 257 13.35 -10.26 37.29
N VAL B 258 13.22 -10.34 35.95
CA VAL B 258 13.20 -11.61 35.25
C VAL B 258 14.44 -11.71 34.36
N LYS B 259 14.83 -12.95 34.03
CA LYS B 259 16.00 -13.19 33.20
C LYS B 259 15.72 -12.79 31.75
N LYS B 260 14.49 -12.96 31.26
CA LYS B 260 14.18 -12.72 29.86
C LYS B 260 13.01 -11.73 29.72
N PRO B 261 13.21 -10.45 30.11
CA PRO B 261 12.13 -9.47 29.99
C PRO B 261 11.82 -9.28 28.52
N GLY B 262 10.54 -9.06 28.21
CA GLY B 262 10.08 -8.96 26.84
C GLY B 262 8.59 -9.28 26.72
N VAL B 263 8.12 -9.43 25.47
CA VAL B 263 6.71 -9.66 25.19
C VAL B 263 6.52 -11.13 24.81
N TYR B 264 5.57 -11.79 25.46
CA TYR B 264 5.26 -13.20 25.23
C TYR B 264 3.84 -13.33 24.69
N GLU B 265 3.70 -14.00 23.55
CA GLU B 265 2.39 -14.33 23.02
C GLU B 265 2.04 -15.75 23.48
N LEU B 266 0.96 -15.85 24.26
CA LEU B 266 0.63 -17.07 24.98
C LEU B 266 -0.90 -17.15 25.09
N PRO B 267 -1.47 -18.36 25.30
CA PRO B 267 -2.89 -18.48 25.60
C PRO B 267 -3.18 -18.08 27.05
N MET B 268 -4.45 -17.70 27.29
CA MET B 268 -4.81 -17.05 28.53
C MET B 268 -5.07 -18.05 29.66
N ASN B 269 -4.98 -19.36 29.38
CA ASN B 269 -4.96 -20.36 30.44
C ASN B 269 -3.56 -20.52 31.04
N THR B 270 -2.54 -19.85 30.47
CA THR B 270 -1.22 -19.77 31.09
C THR B 270 -1.38 -19.16 32.48
N THR B 271 -0.63 -19.67 33.48
CA THR B 271 -0.67 -19.09 34.81
C THR B 271 0.42 -18.02 34.95
N LEU B 272 0.26 -17.12 35.93
CA LEU B 272 1.25 -16.10 36.20
C LEU B 272 2.61 -16.74 36.52
N ARG B 273 2.60 -17.82 37.29
CA ARG B 273 3.84 -18.51 37.62
C ARG B 273 4.53 -19.01 36.34
N GLU B 274 3.75 -19.52 35.37
CA GLU B 274 4.32 -20.02 34.12
C GLU B 274 4.93 -18.87 33.30
N VAL B 275 4.25 -17.72 33.25
CA VAL B 275 4.79 -16.57 32.55
C VAL B 275 6.19 -16.25 33.08
N ILE B 276 6.33 -16.17 34.41
CA ILE B 276 7.57 -15.77 35.04
C ILE B 276 8.64 -16.85 34.85
N PHE B 277 8.30 -18.11 35.20
CA PHE B 277 9.31 -19.15 35.38
C PHE B 277 9.48 -20.03 34.14
N LYS B 278 8.38 -20.31 33.42
CA LYS B 278 8.46 -21.20 32.28
C LYS B 278 8.88 -20.42 31.05
N TYR B 279 8.35 -19.20 30.89
CA TYR B 279 8.62 -18.41 29.68
C TYR B 279 9.71 -17.37 29.90
N ALA B 280 9.60 -16.53 30.96
CA ALA B 280 10.49 -15.38 31.11
C ALA B 280 11.81 -15.77 31.79
N GLY B 281 12.02 -17.07 32.04
CA GLY B 281 13.31 -17.61 32.45
C GLY B 281 13.56 -17.56 33.95
N GLY B 282 12.53 -17.24 34.74
CA GLY B 282 12.69 -17.16 36.19
C GLY B 282 13.21 -15.79 36.59
N THR B 283 13.64 -15.67 37.85
CA THR B 283 14.01 -14.36 38.40
C THR B 283 15.50 -14.12 38.23
N LEU B 284 15.88 -12.84 38.15
CA LEU B 284 17.28 -12.44 38.23
C LEU B 284 17.86 -12.96 39.54
N GLY B 285 18.98 -13.67 39.43
CA GLY B 285 19.70 -14.23 40.57
C GLY B 285 18.94 -15.35 41.27
N ASN B 286 17.84 -15.81 40.65
CA ASN B 286 16.97 -16.81 41.26
C ASN B 286 16.53 -16.37 42.65
N LYS B 287 16.32 -15.06 42.83
CA LYS B 287 15.71 -14.55 44.05
C LYS B 287 14.22 -14.92 44.05
N LYS B 288 13.61 -14.88 45.24
CA LYS B 288 12.22 -15.19 45.39
C LYS B 288 11.37 -14.02 44.91
N VAL B 289 10.25 -14.36 44.25
CA VAL B 289 9.28 -13.36 43.86
C VAL B 289 8.64 -12.80 45.13
N LYS B 290 8.62 -11.47 45.24
CA LYS B 290 7.90 -10.81 46.32
C LYS B 290 6.52 -10.37 45.83
N ALA B 291 6.49 -9.69 44.69
CA ALA B 291 5.25 -9.15 44.15
C ALA B 291 5.32 -9.04 42.65
N VAL B 292 4.13 -8.96 42.05
CA VAL B 292 3.95 -8.62 40.65
C VAL B 292 2.99 -7.43 40.59
N PHE B 293 3.43 -6.35 39.95
CA PHE B 293 2.56 -5.23 39.64
C PHE B 293 1.97 -5.46 38.25
N SER B 294 0.62 -5.51 38.21
CA SER B 294 -0.11 -5.50 36.97
C SER B 294 -0.24 -4.05 36.52
N GLY B 295 0.77 -3.60 35.76
CA GLY B 295 0.96 -2.20 35.49
C GLY B 295 0.88 -1.36 36.76
N ALA B 296 0.03 -0.33 36.74
CA ALA B 296 -0.22 0.50 37.91
C ALA B 296 -1.59 0.20 38.52
N LEU B 297 -2.15 -0.99 38.23
CA LEU B 297 -3.53 -1.32 38.57
C LEU B 297 -3.61 -2.25 39.79
N ASP B 298 -2.86 -3.36 39.82
CA ASP B 298 -2.96 -4.36 40.86
C ASP B 298 -1.56 -4.80 41.34
N CYS B 299 -1.51 -5.23 42.60
CA CYS B 299 -0.32 -5.87 43.19
C CYS B 299 -0.70 -7.27 43.63
N PHE B 300 -0.04 -8.28 43.04
CA PHE B 300 -0.22 -9.66 43.42
C PHE B 300 0.99 -10.10 44.25
N SER B 301 0.73 -10.86 45.31
CA SER B 301 1.79 -11.38 46.16
C SER B 301 2.24 -12.74 45.62
N SER B 302 3.29 -13.29 46.24
CA SER B 302 3.84 -14.56 45.81
C SER B 302 2.89 -15.72 46.15
N GLU B 303 1.84 -15.45 46.93
CA GLU B 303 0.82 -16.46 47.21
C GLU B 303 -0.22 -16.51 46.08
N GLU B 304 -0.12 -15.59 45.11
CA GLU B 304 -1.14 -15.47 44.08
C GLU B 304 -0.60 -15.76 42.68
N LEU B 305 0.41 -16.63 42.56
CA LEU B 305 1.06 -16.83 41.26
C LEU B 305 0.36 -17.91 40.45
N ASP B 306 -0.53 -18.71 41.06
CA ASP B 306 -1.16 -19.79 40.31
C ASP B 306 -2.50 -19.36 39.70
N ILE B 307 -2.67 -18.07 39.43
CA ILE B 307 -3.90 -17.58 38.82
C ILE B 307 -3.75 -17.60 37.31
N PRO B 308 -4.86 -17.79 36.54
CA PRO B 308 -4.81 -17.73 35.08
C PRO B 308 -4.70 -16.31 34.57
N MET B 309 -4.06 -16.15 33.39
CA MET B 309 -3.81 -14.86 32.79
C MET B 309 -4.99 -14.48 31.89
N ASP B 310 -6.20 -14.52 32.47
CA ASP B 310 -7.42 -14.37 31.70
C ASP B 310 -8.23 -13.21 32.30
N TYR B 311 -9.44 -13.01 31.79
CA TYR B 311 -10.29 -11.92 32.27
C TYR B 311 -11.37 -12.43 33.21
N SER B 312 -11.12 -13.58 33.87
CA SER B 312 -12.04 -14.11 34.87
C SER B 312 -11.94 -13.31 36.17
N PRO B 313 -12.97 -13.38 37.05
CA PRO B 313 -12.92 -12.69 38.35
C PRO B 313 -11.69 -13.01 39.19
N LEU B 314 -11.24 -14.27 39.16
CA LEU B 314 -10.07 -14.69 39.93
C LEU B 314 -8.79 -14.65 39.08
N GLY B 315 -8.89 -14.16 37.83
CA GLY B 315 -7.76 -14.12 36.91
C GLY B 315 -6.93 -12.85 37.06
N PHE B 316 -5.80 -12.82 36.34
CA PHE B 316 -4.87 -11.71 36.41
C PHE B 316 -5.52 -10.45 35.83
N GLY B 317 -6.11 -10.60 34.64
CA GLY B 317 -6.81 -9.52 33.98
C GLY B 317 -5.88 -8.37 33.57
N GLY B 318 -6.44 -7.15 33.54
CA GLY B 318 -5.71 -5.96 33.15
C GLY B 318 -5.16 -6.06 31.73
N THR B 319 -3.98 -5.47 31.53
CA THR B 319 -3.31 -5.43 30.24
C THR B 319 -2.52 -6.72 29.98
N GLY B 320 -2.35 -7.57 31.01
CA GLY B 320 -1.41 -8.67 30.98
C GLY B 320 0.02 -8.26 31.36
N THR B 321 0.15 -7.04 31.91
CA THR B 321 1.46 -6.48 32.23
C THR B 321 1.99 -7.10 33.52
N VAL B 322 3.22 -7.61 33.45
CA VAL B 322 3.84 -8.33 34.54
C VAL B 322 5.16 -7.66 34.89
N ILE B 323 5.14 -6.80 35.92
CA ILE B 323 6.34 -6.24 36.52
C ILE B 323 6.71 -7.06 37.75
N VAL B 324 7.88 -7.70 37.73
CA VAL B 324 8.28 -8.60 38.80
C VAL B 324 9.22 -7.88 39.75
N LEU B 325 8.88 -7.93 41.04
CA LEU B 325 9.73 -7.49 42.13
C LEU B 325 10.18 -8.72 42.93
N THR B 326 11.43 -8.71 43.37
CA THR B 326 11.93 -9.83 44.14
C THR B 326 12.18 -9.41 45.59
N GLU B 327 12.63 -10.39 46.38
CA GLU B 327 12.60 -10.35 47.83
C GLU B 327 13.30 -9.12 48.41
N GLU B 328 14.24 -8.50 47.67
CA GLU B 328 14.99 -7.37 48.21
C GLU B 328 14.42 -6.02 47.77
N ASP B 329 13.39 -6.00 46.91
CA ASP B 329 12.80 -4.75 46.45
C ASP B 329 11.87 -4.22 47.54
N ASP B 330 12.09 -2.96 47.93
CA ASP B 330 11.32 -2.31 48.98
C ASP B 330 9.93 -1.95 48.43
N ILE B 331 8.86 -2.50 49.03
CA ILE B 331 7.51 -2.33 48.49
C ILE B 331 7.02 -0.88 48.67
N VAL B 332 7.49 -0.20 49.72
CA VAL B 332 7.08 1.17 49.98
C VAL B 332 7.72 2.11 48.95
N GLU B 333 8.99 1.87 48.63
CA GLU B 333 9.67 2.58 47.55
C GLU B 333 8.92 2.38 46.24
N ALA B 334 8.49 1.14 45.97
CA ALA B 334 7.78 0.83 44.73
C ALA B 334 6.41 1.51 44.72
N ALA B 335 5.70 1.44 45.85
CA ALA B 335 4.43 2.15 46.02
C ALA B 335 4.59 3.66 45.76
N LEU B 336 5.70 4.25 46.23
CA LEU B 336 5.95 5.67 45.99
C LEU B 336 6.00 5.96 44.49
N LYS B 337 6.66 5.11 43.69
CA LYS B 337 6.75 5.33 42.26
C LYS B 337 5.37 5.29 41.62
N ILE B 338 4.50 4.40 42.09
CA ILE B 338 3.14 4.32 41.57
C ILE B 338 2.38 5.60 41.94
N ALA B 339 2.58 6.10 43.18
CA ALA B 339 1.93 7.32 43.63
C ALA B 339 2.40 8.51 42.79
N GLU B 340 3.70 8.57 42.51
CA GLU B 340 4.27 9.64 41.69
C GLU B 340 3.65 9.64 40.30
N PHE B 341 3.40 8.44 39.76
CA PHE B 341 2.81 8.31 38.44
C PHE B 341 1.43 8.98 38.42
N TYR B 342 0.55 8.62 39.36
CA TYR B 342 -0.80 9.14 39.37
C TYR B 342 -0.81 10.65 39.67
N GLU B 343 0.06 11.12 40.57
CA GLU B 343 0.23 12.55 40.82
C GLU B 343 0.49 13.28 39.49
N HIS B 344 1.35 12.69 38.67
CA HIS B 344 1.80 13.31 37.43
C HIS B 344 0.72 13.31 36.36
N GLU B 345 -0.29 12.41 36.42
CA GLU B 345 -1.19 12.20 35.29
C GLU B 345 -2.66 12.57 35.54
N THR B 346 -3.10 12.83 36.78
CA THR B 346 -4.48 13.30 36.97
C THR B 346 -4.69 14.56 36.14
N CYS B 347 -5.83 14.64 35.46
CA CYS B 347 -6.16 15.82 34.67
C CYS B 347 -6.74 16.96 35.53
N GLY B 348 -7.18 16.66 36.76
CA GLY B 348 -7.56 17.68 37.73
C GLY B 348 -9.02 18.15 37.68
N GLN B 349 -9.85 17.58 36.79
CA GLN B 349 -11.25 17.99 36.65
C GLN B 349 -12.04 17.69 37.91
N CYS B 350 -11.76 16.54 38.55
CA CYS B 350 -12.49 16.08 39.72
C CYS B 350 -11.65 16.37 40.97
N THR B 351 -12.29 16.93 42.02
CA THR B 351 -11.55 17.45 43.16
C THR B 351 -10.85 16.34 43.93
N PRO B 352 -11.52 15.25 44.36
CA PRO B 352 -10.82 14.20 45.11
C PRO B 352 -9.68 13.53 44.35
N CYS B 353 -9.81 13.37 43.02
CA CYS B 353 -8.72 12.87 42.19
C CYS B 353 -7.57 13.87 42.17
N ARG B 354 -7.91 15.15 41.91
N ARG B 354 -7.89 15.15 41.91
CA ARG B 354 -6.92 16.22 41.81
CA ARG B 354 -6.89 16.20 41.80
C ARG B 354 -6.07 16.30 43.08
C ARG B 354 -6.05 16.30 43.08
N VAL B 355 -6.73 16.51 44.22
CA VAL B 355 -6.03 16.71 45.48
C VAL B 355 -5.51 15.36 45.99
N GLY B 356 -6.26 14.30 45.75
CA GLY B 356 -5.91 12.99 46.29
C GLY B 356 -4.66 12.39 45.64
N CYS B 357 -4.53 12.52 44.31
CA CYS B 357 -3.33 11.99 43.64
C CYS B 357 -2.10 12.75 44.13
N TYR B 358 -2.24 14.07 44.27
CA TYR B 358 -1.16 14.92 44.74
C TYR B 358 -0.76 14.56 46.17
N GLU B 359 -1.75 14.49 47.09
CA GLU B 359 -1.46 14.31 48.50
C GLU B 359 -0.93 12.89 48.78
N GLN B 360 -1.47 11.90 48.05
CA GLN B 360 -1.03 10.52 48.20
C GLN B 360 0.47 10.44 47.96
N ALA B 361 0.94 11.08 46.87
CA ALA B 361 2.35 11.11 46.53
C ALA B 361 3.18 11.95 47.52
N ASN B 362 2.68 13.15 47.85
CA ASN B 362 3.32 14.09 48.77
C ASN B 362 3.59 13.44 50.13
N LEU B 363 2.55 12.80 50.68
CA LEU B 363 2.62 12.21 52.01
C LEU B 363 3.46 10.93 51.98
N LEU B 364 3.33 10.13 50.90
CA LEU B 364 4.07 8.88 50.83
C LEU B 364 5.57 9.17 50.71
N GLU B 365 5.94 10.26 50.04
CA GLU B 365 7.34 10.65 49.99
C GLU B 365 7.85 10.96 51.40
N LYS B 366 7.03 11.67 52.20
CA LYS B 366 7.41 11.98 53.57
C LYS B 366 7.59 10.70 54.36
N ILE B 367 6.64 9.75 54.22
CA ILE B 367 6.70 8.47 54.90
C ILE B 367 8.00 7.75 54.52
N TYR B 368 8.26 7.69 53.21
CA TYR B 368 9.43 6.99 52.69
C TYR B 368 10.71 7.59 53.25
N LYS B 369 10.75 8.92 53.36
CA LYS B 369 11.96 9.60 53.79
C LYS B 369 12.07 9.69 55.31
N GLY B 370 11.09 9.15 56.04
CA GLY B 370 11.09 9.20 57.49
C GLY B 370 10.84 10.59 58.06
N GLU B 371 10.11 11.44 57.33
CA GLU B 371 9.78 12.79 57.82
C GLU B 371 8.28 12.93 58.05
N ALA B 372 7.53 11.82 58.06
CA ALA B 372 6.08 11.87 58.21
C ALA B 372 5.74 12.01 59.69
N THR B 373 4.85 12.96 60.01
CA THR B 373 4.27 13.05 61.35
C THR B 373 3.22 11.94 61.51
N GLU B 374 2.72 11.76 62.74
CA GLU B 374 1.59 10.87 62.97
C GLU B 374 0.38 11.29 62.11
N GLN B 375 0.15 12.60 62.01
N GLN B 375 0.15 12.61 61.99
CA GLN B 375 -0.96 13.13 61.23
CA GLN B 375 -0.97 13.11 61.21
C GLN B 375 -0.79 12.81 59.75
C GLN B 375 -0.80 12.82 59.73
N ASP B 376 0.45 12.88 59.24
CA ASP B 376 0.75 12.56 57.85
C ASP B 376 0.42 11.09 57.55
N TRP B 377 0.78 10.19 58.48
CA TRP B 377 0.44 8.78 58.36
C TRP B 377 -1.07 8.58 58.25
N GLU B 378 -1.81 9.15 59.20
CA GLU B 378 -3.27 9.01 59.22
C GLU B 378 -3.86 9.67 57.98
N GLY B 379 -3.26 10.79 57.55
CA GLY B 379 -3.68 11.52 56.37
C GLY B 379 -3.50 10.70 55.10
N PHE B 380 -2.35 10.03 55.00
CA PHE B 380 -2.02 9.21 53.85
C PHE B 380 -3.08 8.10 53.68
N ASP B 381 -3.36 7.39 54.77
CA ASP B 381 -4.38 6.35 54.80
C ASP B 381 -5.70 6.91 54.28
N PHE B 382 -6.10 8.08 54.79
CA PHE B 382 -7.40 8.63 54.46
C PHE B 382 -7.46 8.99 52.98
N VAL B 383 -6.43 9.70 52.51
N VAL B 383 -6.44 9.70 52.46
CA VAL B 383 -6.35 10.17 51.14
CA VAL B 383 -6.49 10.15 51.08
C VAL B 383 -6.40 8.97 50.19
C VAL B 383 -6.42 8.94 50.15
N ASN B 384 -5.61 7.94 50.49
CA ASN B 384 -5.55 6.74 49.68
C ASN B 384 -6.94 6.13 49.46
N ARG B 385 -7.80 6.23 50.49
CA ARG B 385 -9.13 5.65 50.46
C ARG B 385 -10.16 6.60 49.82
N ASN B 386 -9.76 7.81 49.43
CA ASN B 386 -10.73 8.84 49.08
C ASN B 386 -10.30 9.59 47.82
N ILE B 387 -9.66 8.89 46.87
CA ILE B 387 -9.31 9.49 45.59
C ILE B 387 -10.50 9.33 44.64
N GLN B 388 -11.23 8.22 44.80
CA GLN B 388 -12.27 7.77 43.88
C GLN B 388 -13.53 8.64 43.92
N PRO B 389 -14.04 9.14 45.06
CA PRO B 389 -15.36 9.77 45.07
C PRO B 389 -15.51 10.90 44.06
N THR B 390 -16.65 10.89 43.34
CA THR B 390 -17.04 11.82 42.30
C THR B 390 -16.23 11.68 40.99
N SER B 391 -15.26 10.75 40.91
CA SER B 391 -14.42 10.63 39.72
C SER B 391 -15.25 10.29 38.47
N ILE B 392 -14.89 10.87 37.32
CA ILE B 392 -15.62 10.57 36.09
C ILE B 392 -14.81 9.67 35.15
N CYS B 393 -13.66 9.16 35.59
CA CYS B 393 -12.92 8.23 34.74
C CYS B 393 -12.14 7.27 35.64
N GLY B 394 -11.56 6.26 34.99
CA GLY B 394 -10.97 5.14 35.68
C GLY B 394 -9.70 5.48 36.45
N LEU B 395 -9.06 6.62 36.15
CA LEU B 395 -7.81 6.98 36.82
C LEU B 395 -8.10 7.24 38.30
N GLY B 396 -9.07 8.12 38.58
CA GLY B 396 -9.46 8.40 39.96
C GLY B 396 -10.00 7.15 40.66
N ALA B 397 -10.66 6.28 39.89
CA ALA B 397 -11.21 5.05 40.44
C ALA B 397 -10.10 4.13 40.98
N VAL B 398 -8.89 4.17 40.40
CA VAL B 398 -7.89 3.16 40.73
C VAL B 398 -6.59 3.79 41.25
N ALA B 399 -6.49 5.12 41.39
CA ALA B 399 -5.21 5.71 41.75
C ALA B 399 -4.75 5.24 43.13
N GLY B 400 -5.67 4.74 43.99
CA GLY B 400 -5.28 4.22 45.30
C GLY B 400 -5.21 2.68 45.39
N ARG B 401 -5.58 1.99 44.30
CA ARG B 401 -5.90 0.56 44.34
C ARG B 401 -4.65 -0.28 44.64
N LEU B 402 -3.63 -0.16 43.80
CA LEU B 402 -2.41 -0.96 43.94
C LEU B 402 -1.76 -0.66 45.30
N ILE B 403 -1.71 0.61 45.68
CA ILE B 403 -1.07 1.00 46.94
C ILE B 403 -1.81 0.37 48.13
N ARG B 404 -3.15 0.40 48.09
CA ARG B 404 -3.97 -0.24 49.12
C ARG B 404 -3.66 -1.73 49.18
N GLN B 405 -3.53 -2.37 48.03
CA GLN B 405 -3.24 -3.80 48.01
C GLN B 405 -1.88 -4.07 48.67
N THR B 406 -0.88 -3.18 48.50
CA THR B 406 0.41 -3.37 49.16
C THR B 406 0.29 -3.16 50.67
N LEU B 407 -0.60 -2.25 51.10
CA LEU B 407 -0.82 -2.03 52.53
C LEU B 407 -1.41 -3.28 53.16
N GLU B 408 -2.29 -3.97 52.43
CA GLU B 408 -2.96 -5.16 52.93
C GLU B 408 -2.07 -6.40 52.84
N LYS B 409 -1.21 -6.49 51.80
CA LYS B 409 -0.48 -7.71 51.52
C LYS B 409 0.92 -7.68 52.12
N PHE B 410 1.45 -6.48 52.41
CA PHE B 410 2.79 -6.34 52.95
C PHE B 410 2.78 -5.43 54.18
N PRO B 411 1.95 -5.71 55.20
CA PRO B 411 1.82 -4.83 56.37
C PRO B 411 3.12 -4.69 57.17
N GLU B 412 3.95 -5.75 57.19
CA GLU B 412 5.18 -5.76 57.96
C GLU B 412 6.16 -4.72 57.42
N GLU B 413 6.25 -4.59 56.09
CA GLU B 413 7.15 -3.62 55.48
C GLU B 413 6.71 -2.19 55.78
N TRP B 414 5.41 -1.93 55.66
CA TRP B 414 4.85 -0.63 55.94
C TRP B 414 5.07 -0.25 57.41
N GLU B 415 4.84 -1.20 58.32
CA GLU B 415 5.04 -0.99 59.75
C GLU B 415 6.46 -0.52 60.06
N LYS B 416 7.44 -1.11 59.38
CA LYS B 416 8.83 -0.71 59.52
C LYS B 416 8.99 0.78 59.25
N TYR B 417 8.18 1.33 58.33
CA TYR B 417 8.21 2.75 58.02
C TYR B 417 7.45 3.61 59.04
N ARG B 418 6.46 3.02 59.74
N ARG B 418 6.48 3.01 59.75
CA ARG B 418 5.64 3.79 60.67
CA ARG B 418 5.63 3.75 60.66
C ARG B 418 6.32 3.92 62.03
C ARG B 418 6.31 3.89 62.04
N LYS B 419 7.56 3.44 62.15
CA LYS B 419 8.28 3.45 63.42
C LYS B 419 9.64 4.14 63.25
N PHE C 6 -25.39 -29.61 -34.43
CA PHE C 6 -25.07 -28.73 -33.26
C PHE C 6 -25.79 -27.39 -33.42
N GLU C 7 -26.19 -26.82 -32.27
CA GLU C 7 -26.99 -25.62 -32.22
C GLU C 7 -26.70 -24.88 -30.92
N PHE C 8 -26.61 -23.54 -31.00
CA PHE C 8 -26.32 -22.70 -29.85
C PHE C 8 -27.53 -22.63 -28.93
N PRO C 9 -27.37 -22.80 -27.60
CA PRO C 9 -28.42 -22.46 -26.64
C PRO C 9 -28.89 -21.02 -26.85
N GLU C 10 -30.16 -20.77 -26.58
CA GLU C 10 -30.79 -19.51 -26.97
C GLU C 10 -30.14 -18.34 -26.23
N GLU C 11 -29.75 -18.56 -24.97
CA GLU C 11 -29.13 -17.49 -24.20
C GLU C 11 -27.78 -17.11 -24.81
N LEU C 12 -27.03 -18.09 -25.32
CA LEU C 12 -25.75 -17.80 -25.95
C LEU C 12 -25.98 -17.17 -27.33
N LYS C 13 -26.91 -17.74 -28.10
CA LYS C 13 -27.18 -17.24 -29.45
C LYS C 13 -27.59 -15.76 -29.40
N THR C 14 -28.42 -15.41 -28.42
CA THR C 14 -28.83 -14.02 -28.21
C THR C 14 -27.61 -13.13 -28.01
N LYS C 15 -26.64 -13.61 -27.22
CA LYS C 15 -25.44 -12.87 -26.89
C LYS C 15 -24.59 -12.66 -28.16
N LEU C 16 -24.48 -13.71 -29.00
CA LEU C 16 -23.73 -13.65 -30.24
C LEU C 16 -24.37 -12.64 -31.20
N GLN C 17 -25.71 -12.60 -31.20
CA GLN C 17 -26.44 -11.69 -32.08
C GLN C 17 -26.18 -10.23 -31.69
N GLU C 18 -26.03 -9.96 -30.38
CA GLU C 18 -25.72 -8.61 -29.91
C GLU C 18 -24.37 -8.15 -30.46
N HIS C 19 -23.35 -9.01 -30.38
CA HIS C 19 -22.04 -8.72 -30.94
C HIS C 19 -22.14 -8.48 -32.45
N ILE C 20 -22.86 -9.35 -33.15
CA ILE C 20 -22.96 -9.26 -34.60
C ILE C 20 -23.64 -7.94 -35.00
N ASN C 21 -24.58 -7.48 -34.17
CA ASN C 21 -25.31 -6.24 -34.42
C ASN C 21 -24.53 -5.01 -33.94
N TYR C 22 -23.43 -5.20 -33.19
CA TYR C 22 -22.73 -4.11 -32.54
C TYR C 22 -21.96 -3.26 -33.54
N PHE C 23 -21.10 -3.90 -34.34
CA PHE C 23 -20.29 -3.17 -35.30
C PHE C 23 -21.12 -2.89 -36.55
N PRO C 24 -20.67 -1.97 -37.43
CA PRO C 24 -21.34 -1.73 -38.71
C PRO C 24 -21.45 -2.94 -39.64
N LYS C 25 -20.42 -3.81 -39.64
CA LYS C 25 -20.45 -5.02 -40.46
C LYS C 25 -20.36 -6.23 -39.55
N LYS C 26 -21.09 -7.29 -39.91
CA LYS C 26 -21.25 -8.46 -39.06
C LYS C 26 -19.89 -9.11 -38.81
N ARG C 27 -19.06 -9.15 -39.84
CA ARG C 27 -17.82 -9.92 -39.80
C ARG C 27 -16.83 -9.33 -38.81
N GLN C 28 -17.02 -8.07 -38.42
CA GLN C 28 -16.17 -7.43 -37.42
C GLN C 28 -16.33 -8.08 -36.05
N ALA C 29 -17.48 -8.75 -35.82
CA ALA C 29 -17.79 -9.30 -34.50
C ALA C 29 -17.15 -10.67 -34.24
N ILE C 30 -16.34 -11.18 -35.20
CA ILE C 30 -15.88 -12.56 -35.14
C ILE C 30 -15.13 -12.87 -33.84
N LEU C 31 -14.23 -11.99 -33.37
CA LEU C 31 -13.44 -12.28 -32.18
C LEU C 31 -14.28 -12.17 -30.90
N LEU C 32 -15.18 -11.18 -30.82
CA LEU C 32 -16.08 -11.05 -29.68
C LEU C 32 -16.94 -12.31 -29.59
N CYS C 33 -17.36 -12.84 -30.74
CA CYS C 33 -18.19 -14.04 -30.79
C CYS C 33 -17.42 -15.25 -30.26
N LEU C 34 -16.15 -15.39 -30.66
CA LEU C 34 -15.34 -16.54 -30.27
C LEU C 34 -14.99 -16.49 -28.79
N HIS C 35 -14.76 -15.28 -28.24
CA HIS C 35 -14.58 -15.12 -26.80
C HIS C 35 -15.83 -15.56 -26.05
N GLU C 36 -16.99 -15.20 -26.60
CA GLU C 36 -18.26 -15.50 -25.96
C GLU C 36 -18.46 -17.01 -25.92
N ILE C 37 -18.21 -17.66 -27.06
CA ILE C 37 -18.28 -19.11 -27.19
C ILE C 37 -17.34 -19.78 -26.18
N GLN C 38 -16.09 -19.30 -26.10
CA GLN C 38 -15.10 -19.94 -25.24
C GLN C 38 -15.48 -19.74 -23.78
N ASN C 39 -16.02 -18.55 -23.44
CA ASN C 39 -16.51 -18.27 -22.10
C ASN C 39 -17.61 -19.27 -21.74
N TYR C 40 -18.49 -19.58 -22.71
CA TYR C 40 -19.66 -20.38 -22.45
C TYR C 40 -19.29 -21.85 -22.23
N TYR C 41 -18.46 -22.41 -23.12
CA TYR C 41 -18.23 -23.85 -23.18
C TYR C 41 -16.95 -24.27 -22.45
N GLY C 42 -16.07 -23.31 -22.12
CA GLY C 42 -14.77 -23.62 -21.54
C GLY C 42 -13.71 -23.94 -22.59
N TYR C 43 -14.07 -23.84 -23.87
CA TYR C 43 -13.19 -24.03 -25.02
C TYR C 43 -14.00 -23.64 -26.27
N ILE C 44 -13.39 -23.75 -27.46
CA ILE C 44 -14.11 -23.57 -28.71
C ILE C 44 -14.53 -24.94 -29.23
N PRO C 45 -15.82 -25.36 -29.11
CA PRO C 45 -16.26 -26.61 -29.74
C PRO C 45 -16.07 -26.55 -31.26
N PRO C 46 -15.33 -27.49 -31.88
CA PRO C 46 -15.23 -27.57 -33.34
C PRO C 46 -16.55 -27.46 -34.09
N GLU C 47 -17.64 -28.01 -33.51
CA GLU C 47 -18.94 -28.05 -34.16
C GLU C 47 -19.62 -26.67 -34.13
N SER C 48 -19.11 -25.76 -33.30
CA SER C 48 -19.69 -24.44 -33.10
C SER C 48 -19.39 -23.50 -34.26
N LEU C 49 -18.36 -23.81 -35.05
CA LEU C 49 -17.80 -22.86 -36.01
C LEU C 49 -18.68 -22.73 -37.25
N LYS C 50 -19.25 -23.85 -37.70
CA LYS C 50 -20.12 -23.83 -38.87
C LYS C 50 -21.31 -22.92 -38.61
N PRO C 51 -22.06 -23.10 -37.49
CA PRO C 51 -23.16 -22.17 -37.15
C PRO C 51 -22.70 -20.73 -36.96
N LEU C 52 -21.51 -20.53 -36.38
CA LEU C 52 -21.00 -19.18 -36.20
C LEU C 52 -20.69 -18.56 -37.55
N ALA C 53 -20.11 -19.34 -38.46
CA ALA C 53 -19.78 -18.85 -39.78
C ALA C 53 -21.05 -18.34 -40.48
N ASP C 54 -22.16 -19.07 -40.33
CA ASP C 54 -23.43 -18.70 -40.93
C ASP C 54 -23.94 -17.38 -40.36
N MET C 55 -23.76 -17.17 -39.05
CA MET C 55 -24.25 -15.95 -38.40
C MET C 55 -23.44 -14.74 -38.84
N LEU C 56 -22.15 -14.96 -39.15
CA LEU C 56 -21.24 -13.90 -39.60
C LEU C 56 -21.33 -13.67 -41.10
N GLU C 57 -22.00 -14.58 -41.82
CA GLU C 57 -22.04 -14.59 -43.27
C GLU C 57 -20.63 -14.70 -43.84
N LEU C 58 -19.82 -15.57 -43.23
CA LEU C 58 -18.45 -15.82 -43.66
C LEU C 58 -18.32 -17.30 -44.03
N PRO C 59 -17.38 -17.69 -44.92
CA PRO C 59 -17.11 -19.10 -45.15
C PRO C 59 -16.56 -19.76 -43.88
N LEU C 60 -16.80 -21.07 -43.72
CA LEU C 60 -16.32 -21.83 -42.58
C LEU C 60 -14.80 -21.77 -42.50
N ASN C 61 -14.09 -21.93 -43.64
CA ASN C 61 -12.63 -22.00 -43.58
C ASN C 61 -12.08 -20.66 -43.06
N HIS C 62 -12.71 -19.54 -43.41
CA HIS C 62 -12.33 -18.23 -42.86
C HIS C 62 -12.36 -18.26 -41.34
N VAL C 63 -13.46 -18.77 -40.78
CA VAL C 63 -13.64 -18.84 -39.33
C VAL C 63 -12.60 -19.78 -38.72
N GLU C 64 -12.36 -20.90 -39.37
CA GLU C 64 -11.37 -21.87 -38.90
C GLU C 64 -9.99 -21.23 -38.88
N GLY C 65 -9.63 -20.51 -39.94
CA GLY C 65 -8.34 -19.84 -40.01
C GLY C 65 -8.15 -18.83 -38.87
N VAL C 66 -9.22 -18.10 -38.54
CA VAL C 66 -9.16 -17.10 -37.49
C VAL C 66 -8.95 -17.79 -36.14
N VAL C 67 -9.72 -18.85 -35.85
CA VAL C 67 -9.58 -19.56 -34.59
C VAL C 67 -8.14 -20.04 -34.43
N ALA C 68 -7.54 -20.54 -35.52
CA ALA C 68 -6.20 -21.09 -35.48
C ALA C 68 -5.17 -20.00 -35.22
N PHE C 69 -5.43 -18.78 -35.73
CA PHE C 69 -4.45 -17.70 -35.70
C PHE C 69 -4.28 -17.13 -34.30
N TYR C 70 -5.40 -17.03 -33.57
CA TYR C 70 -5.48 -16.23 -32.36
C TYR C 70 -5.29 -17.14 -31.14
N ASP C 71 -4.18 -16.93 -30.43
CA ASP C 71 -3.65 -17.86 -29.44
C ASP C 71 -4.57 -18.02 -28.21
N MET C 72 -5.46 -17.07 -27.94
CA MET C 72 -6.31 -17.17 -26.77
C MET C 72 -7.35 -18.29 -26.92
N PHE C 73 -7.71 -18.65 -28.16
CA PHE C 73 -8.74 -19.64 -28.40
C PHE C 73 -8.15 -21.05 -28.34
N ASP C 74 -8.89 -21.96 -27.68
CA ASP C 74 -8.45 -23.32 -27.42
C ASP C 74 -9.54 -24.26 -27.93
N ARG C 75 -9.22 -25.07 -28.94
CA ARG C 75 -10.16 -26.04 -29.50
C ARG C 75 -9.97 -27.43 -28.92
N GLU C 76 -8.91 -27.62 -28.11
CA GLU C 76 -8.50 -28.93 -27.64
C GLU C 76 -9.13 -29.27 -26.29
N ASP C 77 -8.90 -28.42 -25.29
CA ASP C 77 -9.17 -28.77 -23.90
C ASP C 77 -10.23 -27.86 -23.30
N LYS C 78 -11.28 -28.49 -22.76
CA LYS C 78 -12.27 -27.84 -21.93
C LYS C 78 -11.69 -27.59 -20.54
N ALA C 79 -11.81 -26.35 -20.05
CA ALA C 79 -11.43 -26.05 -18.68
C ALA C 79 -12.34 -24.96 -18.13
N LYS C 80 -12.78 -25.11 -16.89
CA LYS C 80 -13.63 -24.11 -16.25
C LYS C 80 -12.83 -22.84 -16.01
N TYR C 81 -11.59 -23.01 -15.52
CA TYR C 81 -10.71 -21.91 -15.17
C TYR C 81 -9.37 -22.04 -15.89
N ARG C 82 -9.00 -21.01 -16.65
N ARG C 82 -9.01 -21.03 -16.68
CA ARG C 82 -7.73 -20.96 -17.36
CA ARG C 82 -7.73 -20.98 -17.35
C ARG C 82 -6.76 -20.12 -16.54
C ARG C 82 -6.76 -20.13 -16.52
N ILE C 83 -5.73 -20.78 -15.98
CA ILE C 83 -4.67 -20.10 -15.27
C ILE C 83 -3.58 -19.73 -16.28
N ARG C 84 -3.62 -18.48 -16.74
CA ARG C 84 -2.62 -17.97 -17.67
C ARG C 84 -1.41 -17.48 -16.89
N VAL C 85 -0.25 -18.08 -17.17
CA VAL C 85 0.97 -17.74 -16.47
C VAL C 85 1.93 -17.11 -17.47
N CYS C 86 2.34 -15.87 -17.17
CA CYS C 86 3.29 -15.17 -18.03
C CYS C 86 4.67 -15.82 -17.93
N VAL C 87 5.25 -16.15 -19.09
CA VAL C 87 6.57 -16.73 -19.16
C VAL C 87 7.56 -15.81 -19.87
N SER C 88 7.20 -14.53 -20.06
CA SER C 88 8.10 -13.58 -20.73
C SER C 88 9.14 -13.01 -19.76
N ILE C 89 10.03 -12.17 -20.33
CA ILE C 89 11.29 -11.80 -19.71
C ILE C 89 11.12 -11.29 -18.27
N VAL C 90 10.21 -10.34 -18.00
CA VAL C 90 10.20 -9.72 -16.67
C VAL C 90 9.73 -10.73 -15.63
N CYS C 91 8.63 -11.42 -15.91
CA CYS C 91 8.13 -12.45 -15.00
C CYS C 91 9.17 -13.56 -14.81
N HIS C 92 9.93 -13.88 -15.87
CA HIS C 92 10.96 -14.90 -15.74
C HIS C 92 12.03 -14.46 -14.74
N LEU C 93 12.49 -13.20 -14.89
CA LEU C 93 13.47 -12.61 -13.99
C LEU C 93 12.96 -12.58 -12.55
N MET C 94 11.66 -12.36 -12.36
CA MET C 94 11.11 -12.06 -11.05
C MET C 94 10.46 -13.29 -10.41
N GLY C 95 10.24 -14.38 -11.16
CA GLY C 95 9.97 -15.67 -10.53
C GLY C 95 8.81 -16.48 -11.11
N THR C 96 8.66 -16.50 -12.45
CA THR C 96 7.74 -17.43 -13.10
C THR C 96 7.89 -18.85 -12.57
N ASN C 97 9.14 -19.33 -12.42
CA ASN C 97 9.38 -20.72 -12.08
C ASN C 97 8.88 -21.02 -10.66
N LYS C 98 8.96 -20.03 -9.76
CA LYS C 98 8.41 -20.18 -8.41
C LYS C 98 6.90 -20.33 -8.46
N LEU C 99 6.24 -19.49 -9.29
CA LEU C 99 4.79 -19.57 -9.48
C LEU C 99 4.40 -20.94 -10.04
N LEU C 100 5.12 -21.41 -11.08
CA LEU C 100 4.80 -22.70 -11.69
C LEU C 100 4.95 -23.83 -10.69
N LYS C 101 5.99 -23.76 -9.83
CA LYS C 101 6.24 -24.81 -8.85
C LYS C 101 5.11 -24.80 -7.83
N ALA C 102 4.73 -23.62 -7.35
CA ALA C 102 3.62 -23.48 -6.42
C ALA C 102 2.34 -24.06 -7.03
N LEU C 103 2.12 -23.80 -8.32
CA LEU C 103 0.94 -24.32 -9.01
C LEU C 103 0.98 -25.85 -9.06
N GLU C 104 2.17 -26.41 -9.31
CA GLU C 104 2.29 -27.86 -9.35
C GLU C 104 2.07 -28.47 -7.97
N ASN C 105 2.53 -27.79 -6.91
CA ASN C 105 2.32 -28.24 -5.55
C ASN C 105 0.82 -28.29 -5.20
N ILE C 106 0.08 -27.24 -5.58
CA ILE C 106 -1.33 -27.12 -5.22
C ILE C 106 -2.20 -28.01 -6.10
N LEU C 107 -1.98 -27.97 -7.43
CA LEU C 107 -2.93 -28.54 -8.38
C LEU C 107 -2.45 -29.85 -8.98
N GLY C 108 -1.13 -30.10 -8.92
CA GLY C 108 -0.56 -31.33 -9.47
C GLY C 108 -0.45 -31.33 -11.00
N ILE C 109 -0.39 -30.14 -11.62
CA ILE C 109 -0.28 -30.04 -13.07
C ILE C 109 0.81 -29.03 -13.46
N LYS C 110 1.24 -29.15 -14.72
CA LYS C 110 2.28 -28.32 -15.31
C LYS C 110 1.64 -27.54 -16.47
N PRO C 111 2.33 -26.53 -17.06
CA PRO C 111 1.76 -25.79 -18.18
C PRO C 111 1.28 -26.71 -19.31
N GLY C 112 0.11 -26.39 -19.89
CA GLY C 112 -0.48 -27.15 -20.98
C GLY C 112 -1.39 -28.28 -20.50
N GLU C 113 -1.34 -28.61 -19.21
CA GLU C 113 -2.13 -29.71 -18.65
C GLU C 113 -3.43 -29.19 -18.03
N VAL C 114 -4.44 -30.07 -17.98
CA VAL C 114 -5.70 -29.83 -17.31
C VAL C 114 -5.78 -30.79 -16.11
N THR C 115 -6.39 -30.33 -15.01
CA THR C 115 -6.70 -31.22 -13.90
C THR C 115 -7.72 -32.27 -14.36
N PRO C 116 -7.75 -33.49 -13.78
CA PRO C 116 -8.64 -34.55 -14.25
C PRO C 116 -10.13 -34.20 -14.20
N ASP C 117 -10.51 -33.34 -13.26
CA ASP C 117 -11.89 -32.90 -13.10
C ASP C 117 -12.26 -31.84 -14.15
N GLY C 118 -11.26 -31.36 -14.90
CA GLY C 118 -11.49 -30.37 -15.94
C GLY C 118 -11.65 -28.95 -15.37
N LYS C 119 -11.14 -28.74 -14.16
CA LYS C 119 -11.39 -27.50 -13.44
C LYS C 119 -10.37 -26.44 -13.82
N PHE C 120 -9.08 -26.81 -13.80
CA PHE C 120 -8.00 -25.86 -14.06
C PHE C 120 -7.14 -26.35 -15.22
N LYS C 121 -6.83 -25.42 -16.12
CA LYS C 121 -5.78 -25.60 -17.12
C LYS C 121 -4.77 -24.47 -16.97
N ILE C 122 -3.49 -24.81 -16.93
CA ILE C 122 -2.41 -23.84 -16.92
C ILE C 122 -2.00 -23.54 -18.36
N VAL C 123 -2.07 -22.25 -18.72
CA VAL C 123 -1.73 -21.79 -20.05
C VAL C 123 -0.52 -20.88 -19.97
N PRO C 124 0.64 -21.25 -20.55
CA PRO C 124 1.79 -20.34 -20.59
C PRO C 124 1.49 -19.27 -21.62
N VAL C 125 1.66 -18.00 -21.24
CA VAL C 125 1.36 -16.88 -22.12
C VAL C 125 2.54 -15.92 -22.15
N GLN C 126 2.54 -15.06 -23.17
CA GLN C 126 3.53 -14.00 -23.32
C GLN C 126 3.09 -12.81 -22.47
N CYS C 127 3.97 -11.79 -22.38
CA CYS C 127 3.81 -10.66 -21.48
C CYS C 127 2.35 -10.18 -21.41
N LEU C 128 1.83 -10.11 -20.17
CA LEU C 128 0.44 -9.77 -19.89
C LEU C 128 0.25 -8.27 -19.63
N GLY C 129 1.31 -7.46 -19.83
CA GLY C 129 1.22 -6.04 -19.60
C GLY C 129 0.96 -5.69 -18.13
N ALA C 130 1.61 -6.40 -17.20
CA ALA C 130 1.56 -6.07 -15.78
C ALA C 130 2.90 -6.34 -15.11
N CYS C 131 3.99 -6.00 -15.81
CA CYS C 131 5.32 -6.50 -15.51
C CYS C 131 5.86 -5.95 -14.19
N SER C 132 5.39 -4.77 -13.78
CA SER C 132 5.73 -4.23 -12.47
C SER C 132 5.27 -5.18 -11.36
N GLU C 133 4.25 -6.01 -11.65
CA GLU C 133 3.67 -6.92 -10.66
C GLU C 133 4.10 -8.36 -10.92
N ALA C 134 5.23 -8.54 -11.62
CA ALA C 134 5.78 -9.86 -11.89
C ALA C 134 6.03 -10.61 -10.59
N PRO C 135 5.83 -11.95 -10.56
CA PRO C 135 5.30 -12.71 -11.68
C PRO C 135 3.78 -12.70 -11.73
N VAL C 136 3.23 -12.52 -12.93
CA VAL C 136 1.81 -12.28 -13.14
C VAL C 136 1.11 -13.57 -13.61
N PHE C 137 -0.11 -13.76 -13.10
CA PHE C 137 -1.00 -14.79 -13.62
C PHE C 137 -2.45 -14.27 -13.68
N MET C 138 -3.23 -14.91 -14.55
CA MET C 138 -4.66 -14.68 -14.62
C MET C 138 -5.38 -15.98 -14.26
N VAL C 139 -6.59 -15.85 -13.71
CA VAL C 139 -7.54 -16.94 -13.56
C VAL C 139 -8.81 -16.50 -14.28
N ASN C 140 -9.02 -17.04 -15.48
CA ASN C 140 -9.96 -16.48 -16.43
C ASN C 140 -9.67 -14.99 -16.56
N ASP C 141 -10.64 -14.11 -16.28
CA ASP C 141 -10.46 -12.67 -16.52
C ASP C 141 -9.74 -11.96 -15.37
N ASP C 142 -9.61 -12.61 -14.20
CA ASP C 142 -8.99 -11.99 -13.04
C ASP C 142 -7.48 -12.09 -13.15
N GLU C 143 -6.78 -11.03 -12.74
CA GLU C 143 -5.34 -10.97 -12.86
C GLU C 143 -4.71 -10.64 -11.50
N TYR C 144 -3.57 -11.28 -11.23
CA TYR C 144 -2.95 -11.23 -9.92
C TYR C 144 -1.43 -11.24 -10.01
N LYS C 145 -0.80 -10.63 -8.99
CA LYS C 145 0.61 -10.87 -8.71
C LYS C 145 0.74 -12.09 -7.79
N PHE C 146 1.65 -12.99 -8.15
CA PHE C 146 2.02 -14.10 -7.29
C PHE C 146 2.98 -13.59 -6.23
N GLU C 147 2.65 -13.86 -4.97
CA GLU C 147 3.48 -13.48 -3.83
C GLU C 147 4.16 -14.71 -3.23
N SER C 148 3.38 -15.78 -3.06
CA SER C 148 3.81 -16.99 -2.37
C SER C 148 2.78 -18.09 -2.58
N GLU C 149 3.15 -19.32 -2.24
CA GLU C 149 2.26 -20.48 -2.40
C GLU C 149 1.05 -20.38 -1.48
N VAL C 150 1.23 -19.92 -0.23
CA VAL C 150 0.14 -19.76 0.72
C VAL C 150 -0.90 -18.78 0.15
N GLN C 151 -0.38 -17.65 -0.38
CA GLN C 151 -1.21 -16.62 -0.99
C GLN C 151 -1.95 -17.18 -2.20
N LEU C 152 -1.23 -17.94 -3.03
CA LEU C 152 -1.80 -18.48 -4.26
C LEU C 152 -2.89 -19.49 -3.94
N ASN C 153 -2.64 -20.31 -2.93
CA ASN C 153 -3.60 -21.33 -2.53
C ASN C 153 -4.93 -20.70 -2.17
N GLU C 154 -4.89 -19.58 -1.42
CA GLU C 154 -6.07 -18.87 -0.98
C GLU C 154 -6.83 -18.28 -2.18
N ILE C 155 -6.09 -17.71 -3.13
CA ILE C 155 -6.69 -17.13 -4.33
C ILE C 155 -7.44 -18.21 -5.10
N LEU C 156 -6.79 -19.37 -5.30
CA LEU C 156 -7.36 -20.42 -6.12
C LEU C 156 -8.60 -21.01 -5.44
N SER C 157 -8.63 -21.00 -4.10
CA SER C 157 -9.77 -21.52 -3.34
C SER C 157 -11.04 -20.70 -3.56
N ARG C 158 -10.91 -19.49 -4.13
CA ARG C 158 -12.05 -18.65 -4.45
C ARG C 158 -12.79 -19.16 -5.70
N TYR C 159 -12.15 -20.06 -6.47
CA TYR C 159 -12.71 -20.56 -7.72
C TYR C 159 -13.22 -21.98 -7.52
N THR C 160 -14.55 -22.15 -7.51
CA THR C 160 -15.20 -23.41 -7.17
C THR C 160 -15.78 -24.10 -8.41
N ARG D 2 -21.08 -1.72 -10.36
CA ARG D 2 -20.37 -2.19 -11.58
C ARG D 2 -19.17 -3.03 -11.15
N SER D 3 -19.22 -4.35 -11.34
CA SER D 3 -18.12 -5.20 -10.89
C SER D 3 -17.19 -5.49 -12.07
N TYR D 4 -15.87 -5.38 -11.84
CA TYR D 4 -14.87 -5.63 -12.86
C TYR D 4 -13.96 -6.77 -12.42
N PRO D 5 -13.34 -7.50 -13.37
CA PRO D 5 -12.30 -8.47 -13.03
C PRO D 5 -11.17 -7.83 -12.22
N ALA D 6 -10.46 -8.64 -11.42
CA ALA D 6 -9.36 -8.17 -10.61
C ALA D 6 -8.19 -7.71 -11.50
N ILE D 7 -7.62 -6.56 -11.11
CA ILE D 7 -6.45 -5.98 -11.74
C ILE D 7 -5.41 -5.75 -10.64
N PRO D 8 -4.14 -6.19 -10.79
CA PRO D 8 -3.13 -5.86 -9.78
C PRO D 8 -2.92 -4.35 -9.76
N ARG D 9 -2.59 -3.83 -8.57
CA ARG D 9 -2.53 -2.40 -8.33
C ARG D 9 -1.11 -1.90 -8.62
N ILE D 10 -0.90 -1.54 -9.88
CA ILE D 10 0.39 -1.04 -10.35
C ILE D 10 0.62 0.31 -9.69
N TYR D 11 1.82 0.51 -9.14
CA TYR D 11 2.21 1.78 -8.56
C TYR D 11 2.35 2.83 -9.68
N ALA D 12 1.88 4.05 -9.42
CA ALA D 12 2.00 5.14 -10.38
C ALA D 12 2.34 6.45 -9.65
N GLU D 13 3.24 7.24 -10.28
CA GLU D 13 3.79 8.44 -9.67
C GLU D 13 3.96 9.48 -10.78
N THR D 14 3.66 10.75 -10.46
CA THR D 14 3.74 11.82 -11.43
C THR D 14 4.39 13.05 -10.80
N THR D 15 5.24 13.73 -11.57
CA THR D 15 5.75 15.04 -11.24
C THR D 15 4.98 16.14 -11.96
N LEU D 16 4.06 15.76 -12.87
CA LEU D 16 3.41 16.71 -13.76
C LEU D 16 1.89 16.77 -13.52
N ASN D 17 1.30 15.70 -12.97
CA ASN D 17 -0.11 15.69 -12.60
C ASN D 17 -1.01 15.92 -13.81
N MET D 18 -0.74 15.21 -14.91
CA MET D 18 -1.53 15.38 -16.12
C MET D 18 -2.21 14.05 -16.46
N LEU D 19 -1.49 13.15 -17.16
CA LEU D 19 -2.04 11.86 -17.55
C LEU D 19 -2.38 11.02 -16.32
N LEU D 20 -1.63 11.19 -15.23
CA LEU D 20 -1.85 10.41 -14.02
C LEU D 20 -2.51 11.24 -12.91
N LYS D 21 -3.17 12.36 -13.24
CA LYS D 21 -3.79 13.16 -12.18
C LYS D 21 -4.79 12.29 -11.41
N ARG D 22 -5.58 11.49 -12.14
CA ARG D 22 -6.50 10.55 -11.51
C ARG D 22 -5.89 9.14 -11.48
N ALA D 23 -5.17 8.76 -12.55
CA ALA D 23 -4.72 7.39 -12.73
C ALA D 23 -3.58 7.05 -11.76
N LYS D 24 -3.06 8.02 -11.00
CA LYS D 24 -2.11 7.70 -9.94
C LYS D 24 -2.83 6.98 -8.79
N LYS D 25 -4.16 7.06 -8.74
CA LYS D 25 -4.93 6.29 -7.78
C LYS D 25 -5.49 5.07 -8.48
N PRO D 26 -5.27 3.85 -7.92
CA PRO D 26 -5.57 2.60 -8.62
C PRO D 26 -7.03 2.16 -8.52
N ARG D 27 -7.90 2.88 -9.23
CA ARG D 27 -9.32 2.56 -9.23
C ARG D 27 -9.94 3.26 -10.44
N VAL D 28 -11.14 2.82 -10.81
CA VAL D 28 -11.89 3.41 -11.90
C VAL D 28 -12.41 4.78 -11.47
N HIS D 29 -12.08 5.83 -12.24
CA HIS D 29 -12.69 7.14 -12.07
C HIS D 29 -13.82 7.31 -13.07
N SER D 30 -15.04 7.46 -12.56
CA SER D 30 -16.21 7.54 -13.43
C SER D 30 -16.44 8.97 -13.91
N ILE D 31 -17.50 9.17 -14.72
CA ILE D 31 -17.66 10.40 -15.48
C ILE D 31 -17.87 11.59 -14.53
N ASP D 32 -18.58 11.38 -13.41
CA ASP D 32 -18.83 12.47 -12.49
C ASP D 32 -17.52 13.00 -11.89
N GLU D 33 -16.61 12.10 -11.53
N GLU D 33 -16.61 12.09 -11.49
CA GLU D 33 -15.34 12.53 -10.97
CA GLU D 33 -15.32 12.50 -10.95
C GLU D 33 -14.50 13.21 -12.05
C GLU D 33 -14.51 13.21 -12.04
N TYR D 34 -14.60 12.70 -13.28
CA TYR D 34 -13.89 13.27 -14.41
C TYR D 34 -14.40 14.69 -14.68
N LEU D 35 -15.72 14.87 -14.63
CA LEU D 35 -16.34 16.17 -14.82
C LEU D 35 -15.99 17.15 -13.70
N LYS D 36 -15.89 16.66 -12.45
CA LYS D 36 -15.59 17.51 -11.31
C LYS D 36 -14.20 18.14 -11.48
N ASP D 37 -13.29 17.39 -12.14
CA ASP D 37 -11.93 17.83 -12.45
C ASP D 37 -11.85 18.65 -13.74
N GLY D 38 -12.99 19.03 -14.30
CA GLY D 38 -13.00 19.91 -15.45
C GLY D 38 -12.97 19.14 -16.78
N GLY D 39 -13.14 17.81 -16.74
CA GLY D 39 -13.13 16.97 -17.93
C GLY D 39 -14.27 17.35 -18.89
N TYR D 40 -14.00 17.14 -20.19
CA TYR D 40 -14.95 17.31 -21.29
C TYR D 40 -15.15 18.79 -21.64
N GLN D 41 -14.49 19.70 -20.92
CA GLN D 41 -14.52 21.11 -21.28
C GLN D 41 -13.55 21.35 -22.44
N ALA D 42 -12.50 20.53 -22.54
CA ALA D 42 -11.58 20.56 -23.67
C ALA D 42 -12.33 20.17 -24.96
N LEU D 43 -13.20 19.15 -24.88
CA LEU D 43 -14.01 18.75 -26.01
C LEU D 43 -14.94 19.89 -26.45
N GLU D 44 -15.62 20.51 -25.48
N GLU D 44 -15.61 20.51 -25.48
CA GLU D 44 -16.52 21.62 -25.76
CA GLU D 44 -16.52 21.61 -25.78
C GLU D 44 -15.78 22.72 -26.51
C GLU D 44 -15.78 22.72 -26.51
N LYS D 45 -14.59 23.08 -26.01
CA LYS D 45 -13.73 24.08 -26.62
C LYS D 45 -13.35 23.65 -28.05
N ALA D 46 -12.96 22.37 -28.20
CA ALA D 46 -12.60 21.80 -29.48
C ALA D 46 -13.74 21.95 -30.50
N LEU D 47 -14.98 21.72 -30.06
CA LEU D 47 -16.12 21.72 -30.97
C LEU D 47 -16.46 23.16 -31.39
N ASN D 48 -15.92 24.16 -30.69
CA ASN D 48 -16.06 25.55 -31.09
C ASN D 48 -14.91 25.96 -32.02
N MET D 49 -14.02 25.02 -32.33
CA MET D 49 -12.87 25.28 -33.17
C MET D 49 -13.08 24.56 -34.49
N SER D 50 -12.36 25.00 -35.53
CA SER D 50 -12.39 24.26 -36.79
C SER D 50 -11.49 23.03 -36.63
N PRO D 51 -11.77 21.91 -37.34
CA PRO D 51 -10.83 20.79 -37.39
C PRO D 51 -9.41 21.20 -37.77
N GLU D 52 -9.32 22.09 -38.76
N GLU D 52 -9.29 22.09 -38.77
CA GLU D 52 -8.06 22.62 -39.27
CA GLU D 52 -7.99 22.56 -39.24
C GLU D 52 -7.23 23.22 -38.13
C GLU D 52 -7.20 23.18 -38.08
N GLU D 53 -7.88 23.99 -37.25
CA GLU D 53 -7.20 24.66 -36.15
C GLU D 53 -6.73 23.65 -35.11
N ILE D 54 -7.57 22.64 -34.83
CA ILE D 54 -7.19 21.61 -33.87
C ILE D 54 -5.93 20.90 -34.37
N ILE D 55 -5.88 20.58 -35.67
CA ILE D 55 -4.72 19.91 -36.24
C ILE D 55 -3.50 20.81 -36.06
N ASP D 56 -3.67 22.10 -36.35
CA ASP D 56 -2.61 23.09 -36.20
C ASP D 56 -2.06 23.08 -34.78
N TRP D 57 -2.94 23.08 -33.76
CA TRP D 57 -2.50 23.08 -32.38
C TRP D 57 -1.72 21.81 -32.05
N VAL D 58 -2.22 20.65 -32.48
CA VAL D 58 -1.59 19.37 -32.16
C VAL D 58 -0.22 19.30 -32.85
N ASP D 59 -0.13 19.86 -34.05
CA ASP D 59 1.13 19.94 -34.76
C ASP D 59 2.11 20.82 -33.97
N LYS D 60 1.64 22.00 -33.55
CA LYS D 60 2.52 22.99 -32.94
C LYS D 60 2.92 22.56 -31.53
N SER D 61 2.17 21.63 -30.93
CA SER D 61 2.50 21.07 -29.63
C SER D 61 3.76 20.21 -29.67
N THR D 62 4.15 19.75 -30.87
CA THR D 62 5.26 18.84 -31.11
C THR D 62 4.96 17.43 -30.61
N LEU D 63 3.70 17.14 -30.25
CA LEU D 63 3.30 15.79 -29.87
C LEU D 63 3.81 14.78 -30.90
N ARG D 64 4.47 13.73 -30.40
CA ARG D 64 4.96 12.59 -31.17
C ARG D 64 4.36 11.28 -30.65
N GLY D 65 4.19 10.32 -31.57
CA GLY D 65 3.54 9.05 -31.31
C GLY D 65 4.14 8.28 -30.13
N ARG D 66 3.31 7.97 -29.13
CA ARG D 66 3.77 7.37 -27.88
C ARG D 66 3.72 5.84 -27.97
N GLY D 67 3.35 5.33 -29.14
CA GLY D 67 3.30 3.91 -29.35
C GLY D 67 4.70 3.33 -29.55
N GLY D 68 5.70 4.20 -29.79
CA GLY D 68 7.08 3.75 -29.86
C GLY D 68 7.90 4.33 -31.00
N ALA D 69 7.27 4.67 -32.14
CA ALA D 69 7.99 5.17 -33.29
C ALA D 69 8.18 6.69 -33.23
N GLY D 70 7.38 7.39 -32.41
CA GLY D 70 7.55 8.83 -32.26
C GLY D 70 7.26 9.64 -33.53
N PHE D 71 6.31 9.19 -34.36
CA PHE D 71 5.95 9.96 -35.55
C PHE D 71 5.15 11.21 -35.17
N PRO D 72 5.41 12.41 -35.74
CA PRO D 72 4.66 13.61 -35.38
C PRO D 72 3.14 13.49 -35.64
N THR D 73 2.34 13.69 -34.58
CA THR D 73 0.93 13.35 -34.59
C THR D 73 0.15 14.29 -35.50
N GLY D 74 0.42 15.59 -35.35
CA GLY D 74 -0.20 16.60 -36.19
C GLY D 74 0.04 16.32 -37.67
N LYS D 75 1.27 15.96 -38.02
CA LYS D 75 1.62 15.66 -39.41
C LYS D 75 0.80 14.47 -39.90
N LYS D 76 0.64 13.46 -39.03
CA LYS D 76 -0.12 12.26 -39.38
C LYS D 76 -1.55 12.64 -39.74
N TRP D 77 -2.17 13.48 -38.90
CA TRP D 77 -3.53 13.91 -39.08
C TRP D 77 -3.68 14.71 -40.38
N LYS D 78 -2.74 15.63 -40.63
CA LYS D 78 -2.74 16.46 -41.83
C LYS D 78 -2.76 15.57 -43.07
N PHE D 79 -1.94 14.51 -43.06
CA PHE D 79 -1.87 13.59 -44.18
C PHE D 79 -3.22 12.95 -44.44
N ALA D 80 -3.93 12.54 -43.38
CA ALA D 80 -5.23 11.89 -43.52
C ALA D 80 -6.24 12.83 -44.20
N VAL D 81 -6.28 14.09 -43.75
CA VAL D 81 -7.34 15.01 -44.15
C VAL D 81 -7.11 15.55 -45.56
N GLN D 82 -5.94 15.31 -46.17
CA GLN D 82 -5.70 15.66 -47.56
C GLN D 82 -6.34 14.63 -48.49
N ASN D 83 -6.82 13.50 -47.93
CA ASN D 83 -7.43 12.43 -48.70
C ASN D 83 -8.95 12.46 -48.50
N PRO D 84 -9.77 12.17 -49.54
CA PRO D 84 -11.22 12.26 -49.41
C PRO D 84 -11.76 11.22 -48.43
N GLY D 85 -12.85 11.59 -47.75
CA GLY D 85 -13.46 10.72 -46.76
C GLY D 85 -14.35 9.65 -47.39
N PRO D 86 -15.11 8.87 -46.60
CA PRO D 86 -15.10 8.99 -45.13
C PRO D 86 -13.75 8.58 -44.52
N ARG D 87 -13.47 9.05 -43.31
CA ARG D 87 -12.24 8.69 -42.61
C ARG D 87 -12.58 7.99 -41.29
N TYR D 88 -11.62 7.21 -40.78
CA TYR D 88 -11.77 6.46 -39.56
C TYR D 88 -10.66 6.81 -38.58
N PHE D 89 -10.98 6.77 -37.29
CA PHE D 89 -10.02 7.01 -36.23
C PHE D 89 -9.92 5.74 -35.39
N ILE D 90 -8.69 5.29 -35.12
CA ILE D 90 -8.44 4.07 -34.37
C ILE D 90 -7.48 4.37 -33.23
N CYS D 91 -7.93 4.02 -32.01
CA CYS D 91 -7.12 4.02 -30.82
C CYS D 91 -6.48 2.65 -30.65
N ASN D 92 -5.15 2.61 -30.72
CA ASN D 92 -4.40 1.36 -30.57
C ASN D 92 -4.18 1.08 -29.08
N ALA D 93 -4.95 0.15 -28.52
CA ALA D 93 -4.80 -0.28 -27.15
C ALA D 93 -4.37 -1.75 -27.08
N ASP D 94 -3.50 -2.16 -28.02
CA ASP D 94 -3.11 -3.56 -28.07
C ASP D 94 -1.95 -3.86 -27.10
N GLU D 95 -1.27 -2.80 -26.61
CA GLU D 95 -0.14 -2.82 -25.69
C GLU D 95 0.30 -4.24 -25.28
N SER D 96 1.27 -4.82 -26.00
CA SER D 96 1.73 -6.18 -25.73
C SER D 96 3.25 -6.31 -25.75
N GLU D 97 3.98 -5.19 -25.88
CA GLU D 97 5.45 -5.21 -25.80
C GLU D 97 5.87 -5.66 -24.41
N PRO D 98 6.84 -6.60 -24.25
CA PRO D 98 7.40 -6.90 -22.92
C PRO D 98 7.80 -5.65 -22.13
N GLY D 99 7.42 -5.64 -20.86
CA GLY D 99 7.73 -4.54 -19.96
C GLY D 99 6.75 -3.38 -20.02
N THR D 100 5.80 -3.43 -20.97
CA THR D 100 4.98 -2.25 -21.29
C THR D 100 3.56 -2.37 -20.71
N PHE D 101 3.25 -1.45 -19.79
CA PHE D 101 1.98 -1.42 -19.06
C PHE D 101 1.54 0.02 -18.76
N LYS D 102 2.01 0.98 -19.56
CA LYS D 102 1.69 2.39 -19.41
C LYS D 102 0.24 2.68 -19.86
N ASP D 103 -0.21 2.07 -20.94
CA ASP D 103 -1.49 2.42 -21.55
C ASP D 103 -2.65 1.91 -20.71
N ARG D 104 -2.50 0.72 -20.11
CA ARG D 104 -3.60 0.12 -19.35
C ARG D 104 -3.99 0.97 -18.14
N ILE D 105 -3.05 1.69 -17.53
CA ILE D 105 -3.43 2.43 -16.33
C ILE D 105 -4.36 3.60 -16.69
N ILE D 106 -4.17 4.19 -17.88
N ILE D 106 -4.18 4.19 -17.88
CA ILE D 106 -5.10 5.20 -18.40
CA ILE D 106 -5.11 5.20 -18.37
C ILE D 106 -6.47 4.56 -18.64
C ILE D 106 -6.47 4.55 -18.62
N ILE D 107 -6.47 3.46 -19.38
CA ILE D 107 -7.71 2.77 -19.75
C ILE D 107 -8.51 2.38 -18.50
N GLU D 108 -7.85 1.77 -17.52
CA GLU D 108 -8.53 1.11 -16.41
C GLU D 108 -8.89 2.10 -15.29
N ARG D 109 -8.19 3.25 -15.21
CA ARG D 109 -8.36 4.16 -14.08
C ARG D 109 -8.95 5.50 -14.49
N ASP D 110 -8.70 5.96 -15.72
CA ASP D 110 -9.18 7.27 -16.16
C ASP D 110 -9.68 7.16 -17.61
N PRO D 111 -10.63 6.25 -17.91
CA PRO D 111 -11.03 6.01 -19.30
C PRO D 111 -11.53 7.26 -20.02
N HIS D 112 -12.12 8.21 -19.27
CA HIS D 112 -12.68 9.40 -19.90
C HIS D 112 -11.60 10.28 -20.52
N LEU D 113 -10.38 10.23 -19.99
CA LEU D 113 -9.29 11.01 -20.57
C LEU D 113 -9.03 10.51 -22.00
N LEU D 114 -9.01 9.17 -22.16
CA LEU D 114 -8.82 8.57 -23.46
C LEU D 114 -10.03 8.88 -24.34
N ILE D 115 -11.24 8.65 -23.83
CA ILE D 115 -12.45 8.87 -24.61
C ILE D 115 -12.49 10.31 -25.09
N GLU D 116 -12.25 11.28 -24.20
CA GLU D 116 -12.28 12.69 -24.58
C GLU D 116 -11.27 12.95 -25.71
N GLY D 117 -10.07 12.38 -25.60
CA GLY D 117 -9.05 12.48 -26.64
C GLY D 117 -9.48 11.90 -27.99
N ILE D 118 -10.17 10.75 -27.97
CA ILE D 118 -10.67 10.10 -29.18
C ILE D 118 -11.72 10.98 -29.86
N ILE D 119 -12.61 11.59 -29.07
CA ILE D 119 -13.64 12.42 -29.66
C ILE D 119 -13.02 13.64 -30.35
N ILE D 120 -12.09 14.32 -29.66
CA ILE D 120 -11.45 15.50 -30.21
C ILE D 120 -10.70 15.13 -31.51
N SER D 121 -9.92 14.04 -31.46
CA SER D 121 -9.10 13.59 -32.57
C SER D 121 -9.97 13.24 -33.77
N SER D 122 -11.08 12.53 -33.49
CA SER D 122 -12.04 12.12 -34.51
C SER D 122 -12.64 13.35 -35.20
N TYR D 123 -13.05 14.34 -34.39
CA TYR D 123 -13.55 15.60 -34.92
C TYR D 123 -12.49 16.27 -35.80
N ALA D 124 -11.25 16.33 -35.32
CA ALA D 124 -10.16 16.96 -36.04
C ALA D 124 -9.97 16.38 -37.44
N ILE D 125 -10.14 15.06 -37.61
CA ILE D 125 -9.89 14.43 -38.90
C ILE D 125 -11.20 14.13 -39.65
N GLY D 126 -12.35 14.54 -39.09
CA GLY D 126 -13.62 14.33 -39.74
C GLY D 126 -14.07 12.86 -39.77
N ALA D 127 -13.64 12.06 -38.78
CA ALA D 127 -14.14 10.70 -38.62
C ALA D 127 -15.41 10.70 -37.76
N ASN D 128 -16.44 9.99 -38.23
CA ASN D 128 -17.69 9.81 -37.49
C ASN D 128 -17.76 8.41 -36.90
N GLU D 129 -16.74 7.59 -37.19
CA GLU D 129 -16.67 6.24 -36.68
C GLU D 129 -15.26 6.05 -36.15
N ALA D 130 -15.16 5.69 -34.87
CA ALA D 130 -13.88 5.44 -34.24
C ALA D 130 -13.87 4.09 -33.54
N TYR D 131 -12.66 3.57 -33.33
CA TYR D 131 -12.48 2.29 -32.67
C TYR D 131 -11.43 2.39 -31.59
N ILE D 132 -11.66 1.60 -30.54
CA ILE D 132 -10.61 1.17 -29.64
C ILE D 132 -10.37 -0.32 -29.87
N TYR D 133 -9.14 -0.69 -30.22
CA TYR D 133 -8.76 -2.09 -30.30
C TYR D 133 -7.92 -2.41 -29.07
N ILE D 134 -8.49 -3.19 -28.14
CA ILE D 134 -7.81 -3.51 -26.89
C ILE D 134 -7.46 -4.99 -26.89
N ARG D 135 -6.24 -5.32 -26.45
CA ARG D 135 -5.82 -6.71 -26.46
C ARG D 135 -6.81 -7.52 -25.66
N GLY D 136 -6.95 -8.80 -26.00
CA GLY D 136 -7.88 -9.68 -25.32
C GLY D 136 -7.50 -9.95 -23.87
N GLU D 137 -6.22 -9.80 -23.53
CA GLU D 137 -5.75 -10.10 -22.17
C GLU D 137 -5.95 -8.89 -21.24
N TYR D 138 -6.64 -7.85 -21.73
CA TYR D 138 -7.10 -6.74 -20.88
C TYR D 138 -8.62 -6.78 -20.80
N PRO D 139 -9.24 -7.83 -20.20
CA PRO D 139 -10.70 -7.92 -20.16
C PRO D 139 -11.34 -6.84 -19.27
N ALA D 140 -10.70 -6.52 -18.15
CA ALA D 140 -11.22 -5.47 -17.28
C ALA D 140 -11.26 -4.13 -18.03
N GLY D 141 -10.15 -3.78 -18.70
CA GLY D 141 -10.07 -2.60 -19.53
C GLY D 141 -11.22 -2.54 -20.55
N TYR D 142 -11.56 -3.68 -21.13
CA TYR D 142 -12.64 -3.75 -22.11
C TYR D 142 -13.97 -3.34 -21.48
N TYR D 143 -14.33 -3.95 -20.34
CA TYR D 143 -15.60 -3.68 -19.68
C TYR D 143 -15.66 -2.26 -19.14
N ILE D 144 -14.53 -1.79 -18.61
CA ILE D 144 -14.41 -0.41 -18.11
C ILE D 144 -14.66 0.59 -19.23
N LEU D 145 -14.06 0.34 -20.41
CA LEU D 145 -14.25 1.21 -21.56
C LEU D 145 -15.69 1.18 -22.05
N ARG D 146 -16.30 -0.02 -22.14
CA ARG D 146 -17.68 -0.14 -22.61
C ARG D 146 -18.59 0.69 -21.70
N ASP D 147 -18.36 0.60 -20.39
CA ASP D 147 -19.16 1.30 -19.40
C ASP D 147 -18.96 2.82 -19.52
N ALA D 148 -17.71 3.25 -19.75
CA ALA D 148 -17.40 4.67 -19.82
C ALA D 148 -18.02 5.29 -21.06
N ILE D 149 -18.02 4.54 -22.16
CA ILE D 149 -18.60 5.01 -23.40
C ILE D 149 -20.09 5.26 -23.20
N GLU D 150 -20.77 4.34 -22.50
CA GLU D 150 -22.17 4.52 -22.17
C GLU D 150 -22.37 5.76 -21.30
N GLU D 151 -21.50 5.99 -20.32
CA GLU D 151 -21.60 7.19 -19.50
C GLU D 151 -21.48 8.44 -20.37
N ALA D 152 -20.54 8.42 -21.33
CA ALA D 152 -20.29 9.56 -22.20
C ALA D 152 -21.52 9.82 -23.06
N LYS D 153 -22.11 8.75 -23.61
CA LYS D 153 -23.34 8.82 -24.37
C LYS D 153 -24.44 9.50 -23.56
N LYS D 154 -24.61 9.07 -22.31
CA LYS D 154 -25.71 9.58 -21.49
C LYS D 154 -25.53 11.08 -21.20
N LYS D 155 -24.28 11.56 -21.19
CA LYS D 155 -24.02 12.96 -20.92
C LYS D 155 -23.91 13.76 -22.21
N GLY D 156 -24.13 13.10 -23.36
CA GLY D 156 -24.23 13.78 -24.65
C GLY D 156 -22.88 14.10 -25.31
N PHE D 157 -21.84 13.33 -24.97
CA PHE D 157 -20.51 13.53 -25.53
C PHE D 157 -20.29 12.63 -26.75
N LEU D 158 -21.18 11.65 -26.95
CA LEU D 158 -21.17 10.75 -28.10
C LEU D 158 -22.59 10.67 -28.65
N GLY D 159 -22.73 10.11 -29.86
CA GLY D 159 -23.99 10.05 -30.56
C GLY D 159 -24.03 11.07 -31.70
N LYS D 160 -25.25 11.44 -32.12
CA LYS D 160 -25.43 12.41 -33.18
C LYS D 160 -25.45 13.82 -32.60
N ASN D 161 -24.94 14.77 -33.39
CA ASN D 161 -25.09 16.19 -33.12
C ASN D 161 -24.60 16.47 -31.70
N ILE D 162 -23.34 16.10 -31.43
CA ILE D 162 -22.76 16.18 -30.09
C ILE D 162 -22.72 17.65 -29.65
N LEU D 163 -23.44 17.93 -28.54
CA LEU D 163 -23.51 19.25 -27.93
C LEU D 163 -23.92 20.30 -28.95
N GLY D 164 -24.79 19.90 -29.90
CA GLY D 164 -25.37 20.79 -30.89
C GLY D 164 -24.37 21.22 -31.97
N SER D 165 -23.26 20.49 -32.13
CA SER D 165 -22.20 20.89 -33.04
C SER D 165 -22.45 20.43 -34.47
N GLY D 166 -23.39 19.49 -34.65
CA GLY D 166 -23.55 18.81 -35.93
C GLY D 166 -22.52 17.70 -36.16
N PHE D 167 -21.67 17.42 -35.16
CA PHE D 167 -20.68 16.36 -35.30
C PHE D 167 -21.21 15.08 -34.68
N ASP D 168 -21.13 13.99 -35.45
CA ASP D 168 -21.63 12.67 -35.07
C ASP D 168 -20.45 11.75 -34.80
N LEU D 169 -20.50 10.97 -33.71
CA LEU D 169 -19.45 9.98 -33.47
C LEU D 169 -20.00 8.78 -32.69
N GLU D 170 -19.62 7.57 -33.16
CA GLU D 170 -19.73 6.35 -32.38
C GLU D 170 -18.32 5.79 -32.19
N ILE D 171 -18.06 5.28 -30.97
CA ILE D 171 -16.82 4.59 -30.66
C ILE D 171 -17.15 3.13 -30.39
N TYR D 172 -16.55 2.24 -31.18
CA TYR D 172 -16.75 0.81 -31.05
C TYR D 172 -15.54 0.22 -30.37
N VAL D 173 -15.76 -0.74 -29.47
CA VAL D 173 -14.65 -1.38 -28.77
C VAL D 173 -14.51 -2.82 -29.30
N ALA D 174 -13.35 -3.08 -29.92
CA ALA D 174 -12.99 -4.39 -30.44
C ALA D 174 -11.99 -5.03 -29.48
N ARG D 175 -11.96 -6.37 -29.41
CA ARG D 175 -11.00 -7.09 -28.59
C ARG D 175 -10.09 -7.92 -29.49
N GLY D 176 -8.80 -7.91 -29.14
CA GLY D 176 -7.83 -8.86 -29.67
C GLY D 176 -8.06 -10.25 -29.09
N ALA D 177 -7.25 -11.21 -29.53
CA ALA D 177 -7.41 -12.58 -29.07
C ALA D 177 -6.07 -13.32 -29.04
N GLY D 178 -4.98 -12.58 -28.74
CA GLY D 178 -3.73 -13.20 -28.33
C GLY D 178 -2.52 -12.93 -29.22
N ALA D 179 -2.64 -12.04 -30.23
CA ALA D 179 -1.58 -11.83 -31.20
C ALA D 179 -0.92 -10.47 -31.00
N TYR D 180 0.36 -10.48 -30.58
CA TYR D 180 1.15 -9.26 -30.47
C TYR D 180 1.14 -8.47 -31.78
N ILE D 181 1.12 -9.19 -32.91
CA ILE D 181 1.24 -8.56 -34.21
C ILE D 181 0.05 -7.65 -34.50
N CYS D 182 -1.09 -7.91 -33.83
CA CYS D 182 -2.29 -7.12 -34.05
C CYS D 182 -2.17 -5.72 -33.47
N GLY D 183 -1.06 -5.42 -32.76
CA GLY D 183 -0.70 -4.05 -32.43
C GLY D 183 -0.05 -3.27 -33.58
N GLU D 184 0.50 -3.99 -34.57
CA GLU D 184 1.01 -3.36 -35.77
C GLU D 184 -0.20 -2.77 -36.50
N GLU D 185 -0.13 -1.49 -36.86
CA GLU D 185 -1.34 -0.74 -37.22
C GLU D 185 -2.11 -1.39 -38.39
N THR D 186 -1.40 -1.99 -39.36
CA THR D 186 -2.09 -2.59 -40.51
C THR D 186 -2.67 -3.95 -40.17
N ALA D 187 -2.01 -4.72 -39.28
CA ALA D 187 -2.58 -5.99 -38.82
C ALA D 187 -3.80 -5.73 -37.94
N LEU D 188 -3.73 -4.65 -37.15
CA LEU D 188 -4.84 -4.22 -36.32
C LEU D 188 -6.07 -3.97 -37.21
N ILE D 189 -5.86 -3.28 -38.33
CA ILE D 189 -6.94 -2.98 -39.27
C ILE D 189 -7.48 -4.28 -39.87
N GLU D 190 -6.60 -5.20 -40.31
CA GLU D 190 -7.05 -6.49 -40.80
C GLU D 190 -7.94 -7.19 -39.76
N SER D 191 -7.53 -7.12 -38.48
CA SER D 191 -8.29 -7.73 -37.39
C SER D 191 -9.66 -7.07 -37.22
N LEU D 192 -9.71 -5.73 -37.31
CA LEU D 192 -10.96 -5.00 -37.24
C LEU D 192 -11.91 -5.39 -38.37
N GLU D 193 -11.33 -5.83 -39.49
CA GLU D 193 -12.11 -6.20 -40.66
C GLU D 193 -12.54 -7.67 -40.56
N GLY D 194 -12.17 -8.33 -39.45
CA GLY D 194 -12.64 -9.68 -39.14
C GLY D 194 -11.72 -10.78 -39.67
N LYS D 195 -10.46 -10.43 -39.92
CA LYS D 195 -9.50 -11.36 -40.49
C LYS D 195 -8.35 -11.63 -39.51
N ARG D 196 -7.47 -12.54 -39.97
CA ARG D 196 -6.20 -12.77 -39.32
C ARG D 196 -5.39 -11.48 -39.32
N GLY D 197 -4.54 -11.33 -38.29
CA GLY D 197 -3.71 -10.15 -38.11
C GLY D 197 -2.44 -10.24 -38.94
N HIS D 198 -2.60 -10.06 -40.26
CA HIS D 198 -1.48 -10.07 -41.18
C HIS D 198 -1.16 -8.65 -41.61
N PRO D 199 0.02 -8.09 -41.25
CA PRO D 199 0.41 -6.75 -41.73
C PRO D 199 0.41 -6.63 -43.24
N ARG D 200 0.11 -5.40 -43.70
CA ARG D 200 0.09 -5.05 -45.11
C ARG D 200 1.38 -4.33 -45.47
N LEU D 201 1.81 -4.50 -46.72
CA LEU D 201 2.87 -3.71 -47.33
C LEU D 201 2.56 -2.22 -47.17
N LYS D 202 3.53 -1.48 -46.60
CA LYS D 202 3.46 -0.04 -46.47
C LYS D 202 4.66 0.56 -47.22
N PRO D 203 4.51 1.70 -47.93
CA PRO D 203 3.21 2.34 -48.18
C PRO D 203 2.29 1.48 -49.03
N PRO D 204 0.96 1.78 -49.10
CA PRO D 204 0.39 2.96 -48.45
C PRO D 204 0.34 2.91 -46.92
N TYR D 205 0.45 4.09 -46.29
CA TYR D 205 0.20 4.22 -44.86
C TYR D 205 -1.31 4.28 -44.63
N PRO D 206 -1.84 3.90 -43.43
CA PRO D 206 -3.28 3.93 -43.18
C PRO D 206 -3.97 5.25 -43.51
N VAL D 207 -3.27 6.38 -43.35
CA VAL D 207 -3.84 7.69 -43.59
C VAL D 207 -4.22 7.85 -45.07
N GLN D 208 -3.59 7.05 -45.95
CA GLN D 208 -3.98 7.00 -47.35
C GLN D 208 -5.01 5.89 -47.57
N LYS D 209 -4.69 4.69 -47.06
CA LYS D 209 -5.54 3.53 -47.25
C LYS D 209 -5.47 2.64 -46.01
N GLY D 210 -6.57 2.58 -45.26
CA GLY D 210 -6.63 1.86 -44.01
C GLY D 210 -7.86 0.96 -43.92
N LEU D 211 -8.73 1.25 -42.94
CA LEU D 211 -9.94 0.46 -42.71
C LEU D 211 -10.90 0.60 -43.90
N TRP D 212 -11.28 -0.54 -44.48
CA TRP D 212 -12.06 -0.61 -45.71
C TRP D 212 -11.44 0.24 -46.82
N GLY D 213 -10.11 0.40 -46.82
CA GLY D 213 -9.41 1.12 -47.87
C GLY D 213 -9.50 2.65 -47.74
N LYS D 214 -10.09 3.13 -46.65
CA LYS D 214 -10.39 4.54 -46.47
C LYS D 214 -9.30 5.19 -45.63
N PRO D 215 -9.10 6.53 -45.72
CA PRO D 215 -8.13 7.21 -44.83
C PRO D 215 -8.40 6.91 -43.36
N THR D 216 -7.35 6.46 -42.67
CA THR D 216 -7.44 5.97 -41.31
C THR D 216 -6.23 6.46 -40.51
N VAL D 217 -6.51 7.14 -39.39
CA VAL D 217 -5.47 7.49 -38.43
C VAL D 217 -5.47 6.44 -37.33
N VAL D 218 -4.29 5.83 -37.10
CA VAL D 218 -4.09 4.97 -35.94
C VAL D 218 -3.14 5.71 -34.99
N ASN D 219 -3.56 5.84 -33.72
CA ASN D 219 -2.76 6.47 -32.68
C ASN D 219 -2.82 5.63 -31.41
N ASN D 220 -1.71 5.68 -30.67
CA ASN D 220 -1.57 4.97 -29.42
C ASN D 220 -2.41 5.63 -28.32
N VAL D 221 -2.90 4.83 -27.36
CA VAL D 221 -3.64 5.29 -26.18
C VAL D 221 -2.98 6.53 -25.58
N GLU D 222 -1.68 6.45 -25.27
CA GLU D 222 -0.98 7.52 -24.57
C GLU D 222 -0.92 8.78 -25.44
N THR D 223 -0.72 8.62 -26.75
CA THR D 223 -0.71 9.76 -27.66
C THR D 223 -2.04 10.52 -27.54
N ILE D 224 -3.13 9.77 -27.59
CA ILE D 224 -4.48 10.33 -27.64
C ILE D 224 -4.81 11.03 -26.34
N ALA D 225 -4.30 10.49 -25.22
CA ALA D 225 -4.54 11.03 -23.89
C ALA D 225 -3.92 12.41 -23.71
N ASN D 226 -2.99 12.79 -24.60
CA ASN D 226 -2.38 14.11 -24.55
C ASN D 226 -3.30 15.16 -25.16
N VAL D 227 -4.18 14.74 -26.08
CA VAL D 227 -4.94 15.68 -26.89
C VAL D 227 -5.79 16.60 -26.02
N PRO D 228 -6.53 16.12 -24.99
CA PRO D 228 -7.30 17.03 -24.14
C PRO D 228 -6.49 18.16 -23.49
N PHE D 229 -5.22 17.88 -23.13
CA PHE D 229 -4.34 18.86 -22.52
C PHE D 229 -3.94 19.93 -23.53
N ILE D 230 -3.56 19.52 -24.73
CA ILE D 230 -3.18 20.45 -25.79
C ILE D 230 -4.31 21.44 -26.05
N ILE D 231 -5.55 20.96 -26.09
CA ILE D 231 -6.69 21.86 -26.31
C ILE D 231 -6.95 22.69 -25.05
N SER D 232 -6.91 22.06 -23.87
CA SER D 232 -7.23 22.76 -22.63
C SER D 232 -6.26 23.90 -22.35
N MET D 233 -4.95 23.61 -22.43
CA MET D 233 -3.93 24.57 -22.03
C MET D 233 -3.48 25.43 -23.21
N GLY D 234 -3.80 25.02 -24.44
CA GLY D 234 -3.19 25.61 -25.62
C GLY D 234 -1.82 25.00 -25.89
N TRP D 235 -1.33 25.11 -27.13
CA TRP D 235 -0.10 24.43 -27.52
C TRP D 235 1.14 25.11 -26.91
N GLU D 236 1.08 26.43 -26.72
CA GLU D 236 2.22 27.17 -26.18
C GLU D 236 2.54 26.62 -24.79
N GLU D 237 1.51 26.58 -23.94
CA GLU D 237 1.63 26.10 -22.57
C GLU D 237 2.09 24.63 -22.55
N TYR D 238 1.61 23.82 -23.50
CA TYR D 238 2.01 22.42 -23.60
C TYR D 238 3.51 22.30 -23.86
N ARG D 239 4.06 23.16 -24.71
CA ARG D 239 5.48 23.12 -25.05
C ARG D 239 6.40 23.52 -23.89
N TYR D 240 5.82 24.18 -22.88
N TYR D 240 5.87 24.23 -22.88
CA TYR D 240 6.55 24.63 -21.71
CA TYR D 240 6.67 24.55 -21.69
C TYR D 240 6.81 23.43 -20.78
C TYR D 240 7.04 23.29 -20.94
N ILE D 241 6.17 22.28 -21.06
CA ILE D 241 6.37 21.05 -20.33
C ILE D 241 7.56 20.32 -20.94
N GLY D 242 8.62 20.15 -20.14
CA GLY D 242 9.83 19.49 -20.58
C GLY D 242 10.64 20.36 -21.54
N PRO D 243 11.57 19.77 -22.33
CA PRO D 243 12.35 20.53 -23.31
C PRO D 243 11.49 20.90 -24.51
N SER D 244 11.82 22.02 -25.17
CA SER D 244 10.95 22.66 -26.14
C SER D 244 10.84 21.86 -27.43
N ASP D 245 11.85 21.01 -27.70
CA ASP D 245 11.89 20.13 -28.86
C ASP D 245 11.05 18.87 -28.63
N TYR D 246 11.18 18.27 -27.43
CA TYR D 246 10.47 17.05 -27.09
C TYR D 246 9.56 17.33 -25.90
N ALA D 247 8.44 18.00 -26.18
CA ALA D 247 7.62 18.57 -25.13
C ALA D 247 6.54 17.59 -24.69
N GLY D 248 6.00 17.87 -23.50
CA GLY D 248 4.84 17.16 -23.02
C GLY D 248 5.21 16.13 -21.96
N PRO D 249 4.20 15.62 -21.22
CA PRO D 249 4.41 14.51 -20.29
C PRO D 249 4.68 13.23 -21.07
N LYS D 250 5.40 12.31 -20.44
CA LYS D 250 5.62 10.98 -20.97
C LYS D 250 5.48 9.98 -19.84
N LEU D 251 4.87 8.81 -20.15
CA LEU D 251 4.76 7.72 -19.19
C LEU D 251 5.90 6.72 -19.38
N PHE D 252 6.49 6.30 -18.26
CA PHE D 252 7.60 5.37 -18.26
C PHE D 252 7.24 4.16 -17.41
N PRO D 253 6.88 3.00 -18.00
CA PRO D 253 6.67 1.76 -17.26
C PRO D 253 8.01 1.12 -16.88
N VAL D 254 8.29 1.09 -15.58
CA VAL D 254 9.56 0.61 -15.04
C VAL D 254 9.33 -0.72 -14.30
N SER D 255 10.09 -1.74 -14.68
CA SER D 255 9.96 -3.06 -14.11
C SER D 255 11.34 -3.73 -13.97
N GLY D 256 11.35 -4.96 -13.45
CA GLY D 256 12.58 -5.68 -13.18
C GLY D 256 13.18 -5.29 -11.83
N LYS D 257 14.51 -5.13 -11.80
CA LYS D 257 15.24 -5.09 -10.54
C LYS D 257 15.31 -3.66 -9.99
N VAL D 258 14.14 -3.03 -9.78
CA VAL D 258 14.05 -1.73 -9.14
C VAL D 258 13.22 -1.88 -7.86
N LYS D 259 13.41 -0.96 -6.91
CA LYS D 259 12.70 -0.99 -5.65
C LYS D 259 11.23 -0.62 -5.83
N LYS D 260 10.95 0.33 -6.73
CA LYS D 260 9.61 0.85 -6.90
C LYS D 260 9.15 0.64 -8.35
N PRO D 261 8.85 -0.60 -8.78
CA PRO D 261 8.36 -0.83 -10.15
C PRO D 261 6.97 -0.24 -10.28
N GLY D 262 6.71 0.34 -11.46
CA GLY D 262 5.49 1.10 -11.68
C GLY D 262 5.59 2.02 -12.89
N VAL D 263 4.57 2.88 -13.04
CA VAL D 263 4.50 3.84 -14.13
C VAL D 263 4.84 5.23 -13.58
N TYR D 264 5.77 5.93 -14.25
CA TYR D 264 6.18 7.26 -13.85
C TYR D 264 5.85 8.27 -14.95
N GLU D 265 5.11 9.34 -14.59
CA GLU D 265 4.86 10.42 -15.51
C GLU D 265 5.91 11.50 -15.30
N LEU D 266 6.75 11.72 -16.32
CA LEU D 266 7.91 12.58 -16.19
C LEU D 266 8.12 13.34 -17.49
N PRO D 267 8.88 14.45 -17.50
CA PRO D 267 9.27 15.10 -18.76
C PRO D 267 10.44 14.33 -19.37
N MET D 268 10.68 14.56 -20.67
CA MET D 268 11.54 13.68 -21.46
C MET D 268 12.98 14.19 -21.49
N ASN D 269 13.26 15.24 -20.69
CA ASN D 269 14.63 15.62 -20.41
C ASN D 269 15.21 14.81 -19.25
N THR D 270 14.35 14.08 -18.53
CA THR D 270 14.78 13.13 -17.52
C THR D 270 15.75 12.13 -18.15
N THR D 271 16.81 11.74 -17.41
CA THR D 271 17.74 10.74 -17.91
C THR D 271 17.28 9.35 -17.47
N LEU D 272 17.82 8.33 -18.13
CA LEU D 272 17.54 6.95 -17.79
C LEU D 272 18.03 6.67 -16.36
N ARG D 273 19.21 7.20 -16.02
CA ARG D 273 19.74 7.07 -14.67
C ARG D 273 18.77 7.66 -13.64
N GLU D 274 18.18 8.82 -13.95
CA GLU D 274 17.23 9.46 -13.05
C GLU D 274 16.00 8.58 -12.88
N VAL D 275 15.48 8.01 -13.99
CA VAL D 275 14.30 7.16 -13.93
C VAL D 275 14.50 6.02 -12.92
N ILE D 276 15.64 5.34 -12.99
CA ILE D 276 15.92 4.17 -12.17
C ILE D 276 16.21 4.58 -10.73
N PHE D 277 17.06 5.61 -10.55
CA PHE D 277 17.63 5.90 -9.25
C PHE D 277 16.87 7.02 -8.52
N LYS D 278 16.43 8.04 -9.25
CA LYS D 278 15.79 9.20 -8.62
C LYS D 278 14.32 8.88 -8.36
N TYR D 279 13.66 8.22 -9.31
CA TYR D 279 12.22 7.99 -9.26
C TYR D 279 11.90 6.56 -8.82
N ALA D 280 12.52 5.55 -9.44
CA ALA D 280 12.15 4.16 -9.19
C ALA D 280 12.83 3.59 -7.93
N GLY D 281 13.58 4.41 -7.19
CA GLY D 281 14.07 4.01 -5.88
C GLY D 281 15.40 3.25 -5.92
N GLY D 282 16.03 3.19 -7.11
CA GLY D 282 17.28 2.47 -7.27
C GLY D 282 17.02 0.99 -7.50
N THR D 283 18.07 0.18 -7.35
CA THR D 283 18.00 -1.24 -7.69
C THR D 283 17.65 -2.07 -6.46
N LEU D 284 17.06 -3.24 -6.70
CA LEU D 284 16.86 -4.23 -5.64
C LEU D 284 18.24 -4.61 -5.10
N GLY D 285 18.35 -4.57 -3.77
CA GLY D 285 19.59 -4.91 -3.09
C GLY D 285 20.74 -3.93 -3.39
N ASN D 286 20.45 -2.78 -4.01
CA ASN D 286 21.47 -1.82 -4.39
C ASN D 286 22.56 -2.50 -5.25
N LYS D 287 22.15 -3.44 -6.09
CA LYS D 287 23.06 -4.10 -7.01
C LYS D 287 23.30 -3.20 -8.21
N LYS D 288 24.46 -3.39 -8.87
CA LYS D 288 24.81 -2.60 -10.03
C LYS D 288 23.89 -2.93 -11.20
N VAL D 289 23.48 -1.89 -11.94
CA VAL D 289 22.74 -2.11 -13.17
C VAL D 289 23.71 -2.73 -14.18
N LYS D 290 23.26 -3.80 -14.85
CA LYS D 290 24.02 -4.41 -15.93
C LYS D 290 23.46 -3.96 -17.28
N ALA D 291 22.14 -4.03 -17.43
CA ALA D 291 21.51 -3.64 -18.67
C ALA D 291 20.10 -3.13 -18.39
N VAL D 292 19.61 -2.32 -19.34
CA VAL D 292 18.22 -1.96 -19.43
C VAL D 292 17.70 -2.44 -20.77
N PHE D 293 16.61 -3.21 -20.75
CA PHE D 293 15.92 -3.56 -21.98
C PHE D 293 14.79 -2.54 -22.22
N SER D 294 14.86 -1.86 -23.38
CA SER D 294 13.78 -1.03 -23.86
C SER D 294 12.74 -1.94 -24.53
N GLY D 295 11.82 -2.45 -23.71
CA GLY D 295 10.93 -3.52 -24.13
C GLY D 295 11.69 -4.68 -24.76
N ALA D 296 11.31 -5.06 -25.99
CA ALA D 296 12.05 -6.08 -26.72
C ALA D 296 12.78 -5.46 -27.91
N LEU D 297 13.10 -4.15 -27.84
CA LEU D 297 13.65 -3.40 -28.96
C LEU D 297 15.15 -3.18 -28.82
N ASP D 298 15.59 -2.64 -27.67
CA ASP D 298 16.97 -2.22 -27.49
C ASP D 298 17.47 -2.72 -26.14
N CYS D 299 18.80 -2.88 -26.05
CA CYS D 299 19.50 -3.17 -24.82
C CYS D 299 20.56 -2.10 -24.58
N PHE D 300 20.39 -1.35 -23.50
CA PHE D 300 21.34 -0.34 -23.08
C PHE D 300 22.22 -0.91 -21.97
N SER D 301 23.52 -0.62 -22.04
CA SER D 301 24.47 -1.04 -21.02
C SER D 301 24.51 0.02 -19.92
N SER D 302 25.26 -0.26 -18.86
CA SER D 302 25.36 0.64 -17.72
C SER D 302 26.20 1.87 -18.04
N GLU D 303 26.90 1.86 -19.19
CA GLU D 303 27.62 3.01 -19.67
C GLU D 303 26.70 3.96 -20.45
N GLU D 304 25.43 3.60 -20.62
CA GLU D 304 24.51 4.39 -21.41
C GLU D 304 23.32 4.89 -20.60
N LEU D 305 23.52 5.17 -19.30
CA LEU D 305 22.43 5.53 -18.40
C LEU D 305 22.16 7.03 -18.42
N ASP D 306 23.10 7.82 -18.97
CA ASP D 306 23.01 9.26 -18.87
C ASP D 306 22.28 9.84 -20.08
N ILE D 307 21.57 9.00 -20.83
CA ILE D 307 20.89 9.47 -22.03
C ILE D 307 19.53 10.05 -21.64
N PRO D 308 19.02 11.05 -22.40
CA PRO D 308 17.69 11.58 -22.18
C PRO D 308 16.59 10.64 -22.69
N MET D 309 15.43 10.69 -22.03
CA MET D 309 14.32 9.80 -22.33
C MET D 309 13.44 10.46 -23.40
N ASP D 310 14.07 10.92 -24.48
CA ASP D 310 13.38 11.65 -25.54
C ASP D 310 13.45 10.85 -26.84
N TYR D 311 12.94 11.44 -27.93
CA TYR D 311 12.93 10.83 -29.24
C TYR D 311 14.08 11.37 -30.11
N SER D 312 15.12 11.90 -29.46
CA SER D 312 16.32 12.36 -30.15
C SER D 312 17.15 11.16 -30.60
N PRO D 313 18.09 11.34 -31.57
CA PRO D 313 18.91 10.23 -32.06
C PRO D 313 19.72 9.52 -30.97
N LEU D 314 20.22 10.28 -29.98
CA LEU D 314 21.02 9.71 -28.91
C LEU D 314 20.16 9.37 -27.70
N GLY D 315 18.84 9.55 -27.80
CA GLY D 315 17.94 9.36 -26.68
C GLY D 315 17.43 7.92 -26.57
N PHE D 316 16.72 7.66 -25.46
CA PHE D 316 16.23 6.31 -25.16
C PHE D 316 15.21 5.89 -26.21
N GLY D 317 14.26 6.79 -26.49
CA GLY D 317 13.26 6.56 -27.52
C GLY D 317 12.30 5.44 -27.14
N GLY D 318 11.86 4.70 -28.17
CA GLY D 318 10.94 3.59 -27.97
C GLY D 318 9.66 4.00 -27.27
N THR D 319 9.13 3.08 -26.45
CA THR D 319 7.89 3.32 -25.72
C THR D 319 8.16 3.98 -24.35
N GLY D 320 9.44 4.13 -24.00
CA GLY D 320 9.83 4.56 -22.65
C GLY D 320 9.88 3.41 -21.64
N THR D 321 9.81 2.16 -22.12
CA THR D 321 9.79 0.97 -21.29
C THR D 321 11.18 0.73 -20.70
N VAL D 322 11.24 0.53 -19.38
CA VAL D 322 12.50 0.36 -18.67
C VAL D 322 12.46 -0.92 -17.85
N ILE D 323 13.04 -1.99 -18.43
CA ILE D 323 13.23 -3.25 -17.73
C ILE D 323 14.68 -3.26 -17.25
N VAL D 324 14.87 -3.31 -15.92
CA VAL D 324 16.21 -3.27 -15.34
C VAL D 324 16.70 -4.68 -14.98
N LEU D 325 17.91 -5.01 -15.47
CA LEU D 325 18.66 -6.19 -15.09
C LEU D 325 19.89 -5.75 -14.31
N THR D 326 20.22 -6.51 -13.25
CA THR D 326 21.36 -6.19 -12.40
C THR D 326 22.46 -7.21 -12.62
N GLU D 327 23.55 -7.05 -11.86
CA GLU D 327 24.83 -7.69 -12.11
C GLU D 327 24.77 -9.22 -12.11
N GLU D 328 23.76 -9.81 -11.45
N GLU D 328 23.78 -9.83 -11.45
CA GLU D 328 23.67 -11.26 -11.33
CA GLU D 328 23.71 -11.28 -11.39
C GLU D 328 22.84 -11.86 -12.47
C GLU D 328 22.68 -11.86 -12.34
N ASP D 329 22.11 -11.03 -13.23
CA ASP D 329 21.19 -11.51 -14.24
C ASP D 329 21.95 -11.96 -15.49
N ASP D 330 21.75 -13.22 -15.89
CA ASP D 330 22.45 -13.83 -17.01
C ASP D 330 21.89 -13.22 -18.30
N ILE D 331 22.76 -12.56 -19.09
CA ILE D 331 22.32 -11.83 -20.28
C ILE D 331 21.86 -12.81 -21.37
N VAL D 332 22.46 -14.02 -21.40
CA VAL D 332 22.12 -15.00 -22.42
C VAL D 332 20.74 -15.60 -22.11
N GLU D 333 20.50 -15.87 -20.84
CA GLU D 333 19.19 -16.31 -20.39
C GLU D 333 18.12 -15.26 -20.73
N ALA D 334 18.45 -13.97 -20.54
CA ALA D 334 17.51 -12.88 -20.87
C ALA D 334 17.30 -12.76 -22.38
N ALA D 335 18.39 -12.84 -23.16
CA ALA D 335 18.29 -12.89 -24.62
C ALA D 335 17.41 -14.05 -25.09
N LEU D 336 17.54 -15.23 -24.49
CA LEU D 336 16.67 -16.35 -24.87
C LEU D 336 15.19 -15.99 -24.68
N LYS D 337 14.84 -15.26 -23.59
CA LYS D 337 13.43 -14.91 -23.38
C LYS D 337 12.93 -13.97 -24.48
N ILE D 338 13.79 -13.06 -24.93
CA ILE D 338 13.44 -12.17 -26.03
C ILE D 338 13.28 -12.99 -27.31
N ALA D 339 14.21 -13.92 -27.58
CA ALA D 339 14.10 -14.76 -28.76
C ALA D 339 12.79 -15.54 -28.74
N GLU D 340 12.39 -16.05 -27.56
CA GLU D 340 11.19 -16.88 -27.43
C GLU D 340 9.95 -16.04 -27.76
N PHE D 341 9.99 -14.77 -27.35
CA PHE D 341 8.90 -13.83 -27.62
C PHE D 341 8.67 -13.68 -29.12
N TYR D 342 9.73 -13.37 -29.90
CA TYR D 342 9.57 -13.18 -31.35
C TYR D 342 9.18 -14.50 -32.03
N GLU D 343 9.72 -15.64 -31.59
CA GLU D 343 9.32 -16.94 -32.10
C GLU D 343 7.81 -17.11 -31.99
N HIS D 344 7.25 -16.70 -30.85
CA HIS D 344 5.84 -16.89 -30.57
C HIS D 344 4.95 -15.90 -31.33
N GLU D 345 5.50 -14.78 -31.84
CA GLU D 345 4.65 -13.71 -32.37
C GLU D 345 4.84 -13.40 -33.86
N THR D 346 5.84 -13.98 -34.54
CA THR D 346 5.92 -13.75 -35.99
C THR D 346 4.63 -14.29 -36.61
N CYS D 347 4.04 -13.53 -37.55
CA CYS D 347 2.84 -13.96 -38.22
C CYS D 347 3.14 -14.92 -39.37
N GLY D 348 4.39 -14.94 -39.85
CA GLY D 348 4.84 -15.97 -40.77
C GLY D 348 4.64 -15.68 -42.27
N GLN D 349 4.18 -14.47 -42.62
CA GLN D 349 3.99 -14.09 -44.03
C GLN D 349 5.31 -14.03 -44.80
N CYS D 350 6.35 -13.54 -44.12
CA CYS D 350 7.65 -13.31 -44.72
C CYS D 350 8.59 -14.45 -44.31
N THR D 351 9.36 -14.97 -45.27
CA THR D 351 10.08 -16.21 -45.06
C THR D 351 11.22 -16.00 -44.05
N PRO D 352 12.14 -15.03 -44.22
CA PRO D 352 13.23 -14.86 -43.25
C PRO D 352 12.71 -14.55 -41.84
N CYS D 353 11.60 -13.83 -41.71
CA CYS D 353 11.02 -13.58 -40.40
C CYS D 353 10.46 -14.87 -39.80
N ARG D 354 9.65 -15.58 -40.59
CA ARG D 354 9.07 -16.86 -40.19
C ARG D 354 10.14 -17.85 -39.71
N VAL D 355 11.14 -18.12 -40.56
CA VAL D 355 12.13 -19.15 -40.23
C VAL D 355 13.14 -18.57 -39.26
N GLY D 356 13.46 -17.27 -39.41
CA GLY D 356 14.47 -16.63 -38.58
C GLY D 356 14.09 -16.53 -37.11
N CYS D 357 12.86 -16.07 -36.82
CA CYS D 357 12.38 -15.96 -35.45
C CYS D 357 12.37 -17.33 -34.78
N TYR D 358 11.95 -18.37 -35.54
CA TYR D 358 11.94 -19.73 -35.04
C TYR D 358 13.35 -20.24 -34.74
N GLU D 359 14.26 -20.14 -35.72
CA GLU D 359 15.60 -20.71 -35.57
C GLU D 359 16.41 -19.96 -34.52
N GLN D 360 16.23 -18.63 -34.44
CA GLN D 360 16.93 -17.81 -33.45
C GLN D 360 16.65 -18.39 -32.06
N ALA D 361 15.37 -18.67 -31.79
CA ALA D 361 14.96 -19.17 -30.48
C ALA D 361 15.43 -20.60 -30.27
N ASN D 362 15.26 -21.44 -31.30
CA ASN D 362 15.59 -22.86 -31.23
C ASN D 362 17.09 -23.05 -31.00
N LEU D 363 17.90 -22.29 -31.72
CA LEU D 363 19.35 -22.39 -31.60
C LEU D 363 19.84 -21.77 -30.29
N LEU D 364 19.27 -20.61 -29.91
CA LEU D 364 19.71 -19.96 -28.67
C LEU D 364 19.39 -20.83 -27.46
N GLU D 365 18.31 -21.61 -27.51
CA GLU D 365 18.00 -22.55 -26.43
C GLU D 365 19.08 -23.62 -26.31
N LYS D 366 19.56 -24.13 -27.45
CA LYS D 366 20.62 -25.12 -27.46
C LYS D 366 21.89 -24.52 -26.85
N ILE D 367 22.21 -23.29 -27.27
CA ILE D 367 23.39 -22.59 -26.79
C ILE D 367 23.28 -22.48 -25.27
N TYR D 368 22.11 -22.04 -24.81
CA TYR D 368 21.89 -21.80 -23.39
C TYR D 368 22.04 -23.10 -22.60
N LYS D 369 21.47 -24.20 -23.14
CA LYS D 369 21.48 -25.48 -22.46
C LYS D 369 22.82 -26.21 -22.63
N GLY D 370 23.76 -25.63 -23.39
CA GLY D 370 25.08 -26.21 -23.53
C GLY D 370 25.11 -27.38 -24.51
N GLU D 371 24.17 -27.39 -25.46
CA GLU D 371 23.97 -28.49 -26.38
C GLU D 371 24.15 -28.04 -27.82
N ALA D 372 24.72 -26.84 -28.03
CA ALA D 372 24.87 -26.31 -29.38
C ALA D 372 26.17 -26.82 -29.99
N THR D 373 26.09 -27.31 -31.23
CA THR D 373 27.29 -27.67 -31.99
C THR D 373 27.97 -26.40 -32.45
N GLU D 374 29.16 -26.53 -33.04
CA GLU D 374 29.84 -25.37 -33.62
C GLU D 374 28.99 -24.79 -34.76
N GLN D 375 28.36 -25.66 -35.55
N GLN D 375 28.35 -25.67 -35.55
CA GLN D 375 27.50 -25.22 -36.64
CA GLN D 375 27.48 -25.25 -36.63
C GLN D 375 26.25 -24.51 -36.10
C GLN D 375 26.23 -24.53 -36.10
N ASP D 376 25.72 -24.97 -34.95
CA ASP D 376 24.60 -24.31 -34.30
C ASP D 376 24.97 -22.87 -33.92
N TRP D 377 26.19 -22.67 -33.41
CA TRP D 377 26.68 -21.36 -33.01
C TRP D 377 26.78 -20.43 -34.22
N GLU D 378 27.45 -20.90 -35.27
CA GLU D 378 27.61 -20.15 -36.52
C GLU D 378 26.24 -19.87 -37.15
N GLY D 379 25.33 -20.87 -37.10
CA GLY D 379 23.97 -20.72 -37.60
C GLY D 379 23.17 -19.66 -36.85
N PHE D 380 23.30 -19.66 -35.52
CA PHE D 380 22.68 -18.67 -34.65
C PHE D 380 23.09 -17.26 -35.09
N ASP D 381 24.40 -17.03 -35.22
CA ASP D 381 24.90 -15.73 -35.59
C ASP D 381 24.31 -15.32 -36.95
N PHE D 382 24.28 -16.27 -37.89
CA PHE D 382 23.80 -16.00 -39.23
C PHE D 382 22.32 -15.61 -39.20
N VAL D 383 21.51 -16.44 -38.55
CA VAL D 383 20.06 -16.25 -38.50
C VAL D 383 19.73 -14.91 -37.85
N ASN D 384 20.43 -14.58 -36.76
CA ASN D 384 20.22 -13.33 -36.06
C ASN D 384 20.41 -12.12 -37.00
N ARG D 385 21.35 -12.22 -37.93
N ARG D 385 21.36 -12.25 -37.93
CA ARG D 385 21.65 -11.13 -38.84
CA ARG D 385 21.73 -11.20 -38.87
C ARG D 385 20.72 -11.12 -40.06
C ARG D 385 20.78 -11.16 -40.08
N ASN D 386 19.83 -12.11 -40.19
CA ASN D 386 19.10 -12.34 -41.44
C ASN D 386 17.61 -12.61 -41.23
N ILE D 387 17.01 -12.00 -40.20
CA ILE D 387 15.59 -12.09 -39.96
C ILE D 387 14.87 -11.02 -40.78
N GLN D 388 15.55 -9.88 -40.99
CA GLN D 388 14.98 -8.65 -41.55
C GLN D 388 14.70 -8.75 -43.06
N PRO D 389 15.54 -9.37 -43.91
CA PRO D 389 15.37 -9.24 -45.37
C PRO D 389 13.97 -9.63 -45.84
N THR D 390 13.39 -8.79 -46.72
CA THR D 390 12.05 -8.93 -47.30
C THR D 390 10.91 -8.70 -46.30
N SER D 391 11.20 -8.38 -45.03
CA SER D 391 10.15 -8.16 -44.04
C SER D 391 9.24 -6.99 -44.45
N ILE D 392 7.92 -7.13 -44.23
CA ILE D 392 7.01 -6.04 -44.56
C ILE D 392 6.46 -5.33 -43.32
N CYS D 393 6.96 -5.66 -42.11
CA CYS D 393 6.60 -4.90 -40.92
C CYS D 393 7.77 -4.87 -39.94
N GLY D 394 7.60 -4.12 -38.85
CA GLY D 394 8.67 -3.80 -37.93
C GLY D 394 9.16 -4.97 -37.07
N LEU D 395 8.36 -6.03 -36.94
CA LEU D 395 8.72 -7.18 -36.13
C LEU D 395 9.94 -7.86 -36.74
N GLY D 396 9.88 -8.14 -38.05
CA GLY D 396 11.00 -8.78 -38.74
C GLY D 396 12.24 -7.88 -38.74
N ALA D 397 12.01 -6.57 -38.82
CA ALA D 397 13.08 -5.58 -38.85
C ALA D 397 13.85 -5.56 -37.51
N VAL D 398 13.23 -5.92 -36.39
CA VAL D 398 13.87 -5.77 -35.08
C VAL D 398 14.00 -7.08 -34.30
N ALA D 399 13.57 -8.22 -34.84
CA ALA D 399 13.53 -9.43 -34.03
C ALA D 399 14.93 -9.87 -33.60
N GLY D 400 15.98 -9.42 -34.31
CA GLY D 400 17.34 -9.73 -33.94
C GLY D 400 18.09 -8.58 -33.24
N ARG D 401 17.44 -7.42 -33.12
CA ARG D 401 18.12 -6.18 -32.80
C ARG D 401 18.67 -6.21 -31.37
N LEU D 402 17.81 -6.44 -30.38
CA LEU D 402 18.20 -6.44 -28.98
C LEU D 402 19.26 -7.51 -28.76
N ILE D 403 19.04 -8.71 -29.33
CA ILE D 403 19.96 -9.82 -29.12
C ILE D 403 21.35 -9.48 -29.67
N ARG D 404 21.40 -8.87 -30.85
CA ARG D 404 22.66 -8.43 -31.44
C ARG D 404 23.35 -7.42 -30.53
N GLN D 405 22.58 -6.46 -29.97
CA GLN D 405 23.16 -5.51 -29.04
C GLN D 405 23.80 -6.21 -27.84
N THR D 406 23.15 -7.26 -27.29
CA THR D 406 23.74 -7.99 -26.18
C THR D 406 25.02 -8.71 -26.61
N LEU D 407 25.06 -9.18 -27.85
CA LEU D 407 26.25 -9.84 -28.37
C LEU D 407 27.41 -8.84 -28.45
N GLU D 408 27.11 -7.60 -28.81
CA GLU D 408 28.13 -6.57 -28.97
C GLU D 408 28.54 -5.95 -27.63
N LYS D 409 27.61 -5.88 -26.68
CA LYS D 409 27.85 -5.13 -25.45
C LYS D 409 28.33 -6.06 -24.33
N PHE D 410 28.02 -7.36 -24.41
CA PHE D 410 28.39 -8.31 -23.37
C PHE D 410 29.11 -9.52 -23.97
N PRO D 411 30.19 -9.31 -24.76
CA PRO D 411 30.86 -10.43 -25.43
C PRO D 411 31.44 -11.49 -24.48
N GLU D 412 31.89 -11.02 -23.30
N GLU D 412 31.93 -11.07 -23.30
CA GLU D 412 32.50 -11.85 -22.27
CA GLU D 412 32.56 -12.02 -22.39
C GLU D 412 31.55 -12.98 -21.87
C GLU D 412 31.53 -13.05 -21.90
N GLU D 413 30.29 -12.60 -21.63
CA GLU D 413 29.26 -13.52 -21.12
C GLU D 413 28.83 -14.52 -22.19
N TRP D 414 28.71 -14.07 -23.45
CA TRP D 414 28.40 -14.95 -24.56
C TRP D 414 29.54 -15.96 -24.76
N GLU D 415 30.79 -15.47 -24.78
CA GLU D 415 31.96 -16.32 -24.99
C GLU D 415 32.00 -17.44 -23.94
N LYS D 416 31.57 -17.14 -22.72
CA LYS D 416 31.52 -18.14 -21.66
C LYS D 416 30.61 -19.30 -22.07
N TYR D 417 29.55 -19.01 -22.85
CA TYR D 417 28.66 -20.05 -23.34
C TYR D 417 29.26 -20.79 -24.54
N ARG D 418 30.08 -20.08 -25.33
CA ARG D 418 30.90 -20.75 -26.33
C ARG D 418 32.05 -21.47 -25.63
FE1 FES E . 10.66 3.17 32.26
FE2 FES E . 8.45 1.80 31.52
S1 FES E . 10.02 2.63 30.21
S2 FES E . 9.13 2.25 33.57
S SO4 F . -16.94 22.43 12.19
O1 SO4 F . -16.46 21.62 11.10
O2 SO4 F . -18.19 23.05 11.82
O3 SO4 F . -15.97 23.47 12.48
O4 SO4 F . -17.14 21.62 13.36
S SO4 G . 5.35 24.91 29.75
O1 SO4 G . 4.78 25.86 30.67
O2 SO4 G . 4.83 25.17 28.43
O3 SO4 G . 6.79 25.04 29.74
O4 SO4 G . 5.00 23.58 30.15
NA NA H . 9.03 5.51 23.97
FE1 SF4 I . -9.35 13.68 35.44
FE2 SF4 I . -9.04 12.11 37.71
FE3 SF4 I . -10.30 11.07 35.53
FE4 SF4 I . -11.49 13.05 37.05
S1 SF4 I . -10.97 10.87 37.71
S2 SF4 I . -11.47 12.93 34.75
S3 SF4 I . -9.65 14.33 37.60
S4 SF4 I . -8.10 11.76 35.66
C9A FNR J . -7.28 3.78 29.38
N10 FNR J . -7.49 2.84 28.35
CAA FNR J . -6.51 2.68 27.38
N1 FNR J . -6.74 1.81 26.35
C2 FNR J . -5.82 1.61 25.35
O2 FNR J . -6.08 0.91 24.37
N3 FNR J . -4.65 2.30 25.47
C4 FNR J . -4.32 3.22 26.44
O4 FNR J . -3.22 3.79 26.42
C4A FNR J . -5.34 3.41 27.41
N5 FNR J . -5.15 4.32 28.38
C5A FNR J . -6.10 4.54 29.37
C6 FNR J . -5.85 5.47 30.38
C7 FNR J . -6.77 5.66 31.41
C7M FNR J . -6.49 6.68 32.47
C8 FNR J . -7.95 4.90 31.42
C8M FNR J . -8.95 5.05 32.54
C9 FNR J . -8.20 3.97 30.41
C1' FNR J . -8.76 2.10 28.25
C2' FNR J . -9.64 2.83 27.23
O2' FNR J . -10.37 3.85 27.91
C3' FNR J . -10.59 1.84 26.55
O3' FNR J . -11.18 0.98 27.52
C4' FNR J . -9.95 0.96 25.48
O4' FNR J . -9.12 1.72 24.61
C5' FNR J . -11.01 0.24 24.69
O5' FNR J . -10.40 -0.71 23.78
P FNR J . -10.55 -2.31 24.04
O1P FNR J . -12.01 -2.61 24.33
O2P FNR J . -10.08 -2.92 22.73
O3P FNR J . -9.67 -2.63 25.22
O7N AP0 K . -1.60 1.99 28.41
C7N AP0 K . -2.58 1.29 28.58
C8N AP0 K . -2.78 0.08 27.72
C3N AP0 K . -3.55 1.62 29.65
C4N AP0 K . -3.31 2.86 30.46
C5N AP0 K . -4.35 3.04 31.49
C6N AP0 K . -5.35 2.19 31.68
C2N AP0 K . -4.59 0.80 29.92
N1N AP0 K . -5.50 1.07 30.93
C1D AP0 K . -6.62 0.16 31.20
C2D AP0 K . -6.60 -0.49 32.58
O2D AP0 K . -6.00 -1.79 32.54
C3D AP0 K . -8.10 -0.56 32.98
O3D AP0 K . -8.54 -1.90 33.15
O4D AP0 K . -7.84 0.89 31.11
C4D AP0 K . -8.83 0.09 31.79
C5D AP0 K . -10.03 0.93 32.15
O5D AP0 K . -10.63 1.40 30.93
PN AP0 K . -12.09 2.03 30.90
O1N AP0 K . -12.24 2.98 32.01
O2N AP0 K . -12.35 2.46 29.49
O3 AP0 K . -12.97 0.72 31.19
PA AP0 K . -14.51 0.34 31.16
O1A AP0 K . -15.30 1.44 31.77
O2A AP0 K . -14.59 -1.02 31.74
O5B AP0 K . -14.86 0.29 29.61
C5B AP0 K . -14.20 -0.66 28.72
C4B AP0 K . -14.69 -0.48 27.30
O4B AP0 K . -16.03 -1.02 27.18
C1B AP0 K . -16.93 0.02 26.81
C2B AP0 K . -16.21 1.34 27.11
O2B AP0 K . -16.73 2.36 26.26
C3B AP0 K . -14.75 0.95 26.80
O3B AP0 K . -14.44 1.07 25.41
N9A AP0 K . -18.16 -0.13 27.58
C8A AP0 K . -18.28 -0.40 28.93
N7A AP0 K . -19.51 -0.42 29.35
C5A AP0 K . -20.27 -0.16 28.22
C6A AP0 K . -21.65 -0.05 28.02
N6A AP0 K . -22.57 -0.15 29.00
C4A AP0 K . -19.45 0.02 27.12
N3A AP0 K . -19.84 0.27 25.87
C2A AP0 K . -21.18 0.35 25.78
N1A AP0 K . -22.09 0.21 26.76
C1 GOL L . -2.99 -11.44 8.55
O1 GOL L . -4.11 -11.25 7.67
C2 GOL L . -2.45 -12.84 8.45
O2 GOL L . -1.74 -13.01 7.23
C3 GOL L . -3.54 -13.88 8.57
O3 GOL L . -3.03 -15.15 8.97
C1 GOL M . -8.25 7.31 -3.76
O1 GOL M . -9.19 6.25 -3.66
C2 GOL M . -8.78 8.55 -3.08
O2 GOL M . -8.32 8.57 -1.74
C3 GOL M . -8.41 9.84 -3.77
O3 GOL M . -9.55 10.54 -4.23
C1 GOL N . -27.40 3.59 9.66
O1 GOL N . -26.96 4.94 9.49
C2 GOL N . -26.63 2.59 8.80
O2 GOL N . -26.59 1.33 9.47
C3 GOL N . -25.23 3.04 8.45
O3 GOL N . -24.38 1.94 8.10
NA NA O . 9.35 -2.35 18.74
NA NA P . -7.00 6.26 2.47
NA NA Q . -15.24 13.92 8.87
NA NA R . 3.51 12.12 31.11
C1 BTB S . -8.51 -10.92 40.92
O1 BTB S . -7.35 -11.30 40.20
C2 BTB S . -9.19 -9.69 40.31
C3 BTB S . -10.29 -9.15 41.25
O3 BTB S . -10.62 -7.80 40.94
N BTB S . -8.25 -8.56 39.92
C5 BTB S . -7.06 -8.38 40.83
C6 BTB S . -7.36 -8.03 42.27
O6 BTB S . -6.15 -7.88 42.99
C7 BTB S . -7.87 -8.62 38.46
C8 BTB S . -8.42 -7.49 37.61
O8 BTB S . -8.16 -6.19 38.15
FE1 FES T . 5.17 -8.52 -18.70
FE2 FES T . 5.11 -10.93 -17.49
S1 FES T . 3.55 -9.37 -17.46
S2 FES T . 6.76 -10.05 -18.65
S SO4 U . -19.78 -5.02 -47.26
O1 SO4 U . -20.54 -4.16 -46.37
O2 SO4 U . -20.26 -4.89 -48.61
O3 SO4 U . -18.38 -4.66 -47.21
O4 SO4 U . -19.94 -6.39 -46.83
S SO4 V . -6.20 -24.35 -31.45
O1 SO4 V . -6.52 -25.16 -30.29
O2 SO4 V . -7.33 -23.55 -31.81
O3 SO4 V . -5.08 -23.50 -31.13
O4 SO4 V . -5.84 -25.21 -32.55
NA NA W . 6.58 -21.69 -22.43
FE1 SF4 X . 4.64 -11.11 -40.24
FE2 SF4 X . 7.35 -11.01 -39.63
FE3 SF4 X . 5.93 -8.69 -39.96
FE4 SF4 X . 6.48 -10.32 -42.11
S1 SF4 X . 8.00 -9.14 -40.81
S2 SF4 X . 4.48 -9.29 -41.68
S3 SF4 X . 6.33 -12.41 -41.13
S4 SF4 X . 5.61 -10.29 -38.33
C9A FNR Y . 3.39 -1.85 -33.10
N10 FNR Y . 2.85 -0.57 -32.71
CAA FNR Y . 1.99 -0.53 -31.62
N1 FNR Y . 1.44 0.67 -31.28
C2 FNR Y . 0.57 0.82 -30.23
O2 FNR Y . -0.02 1.87 -30.00
N3 FNR Y . 0.29 -0.32 -29.52
C4 FNR Y . 0.77 -1.59 -29.76
O4 FNR Y . 0.37 -2.53 -29.08
C4A FNR Y . 1.68 -1.66 -30.89
N5 FNR Y . 2.18 -2.86 -31.26
C5A FNR Y . 3.03 -2.99 -32.35
C6 FNR Y . 3.53 -4.24 -32.71
C7 FNR Y . 4.39 -4.38 -33.80
C7M FNR Y . 4.90 -5.75 -34.18
C8 FNR Y . 4.74 -3.24 -34.53
C8M FNR Y . 5.72 -3.35 -35.68
C9 FNR Y . 4.25 -1.99 -34.19
C1' FNR Y . 3.13 0.64 -33.49
C2' FNR Y . 1.95 0.89 -34.45
O2' FNR Y . 2.15 0.16 -35.65
C3' FNR Y . 1.85 2.39 -34.77
O3' FNR Y . 3.12 2.96 -35.05
C4' FNR Y . 1.20 3.24 -33.67
O4' FNR Y . 0.03 2.63 -33.14
C5' FNR Y . 0.95 4.63 -34.17
O5' FNR Y . 0.41 5.45 -33.11
P FNR Y . 1.34 6.62 -32.49
O1P FNR Y . 0.39 7.42 -31.61
O2P FNR Y . 1.83 7.40 -33.69
O3P FNR Y . 2.47 5.98 -31.72
O7N AP0 Z . 2.83 -2.72 -27.20
C7N AP0 Z . 3.43 -1.78 -27.74
C8N AP0 Z . 3.20 -0.38 -27.25
C3N AP0 Z . 4.33 -2.03 -28.88
C4N AP0 Z . 4.52 -3.44 -29.33
C5N AP0 Z . 5.42 -3.53 -30.50
C6N AP0 Z . 5.99 -2.47 -31.05
C2N AP0 Z . 4.97 -1.01 -29.49
N1N AP0 Z . 5.80 -1.21 -30.59
C1D AP0 Z . 6.51 -0.10 -31.21
C2D AP0 Z . 8.04 -0.20 -31.13
O2D AP0 Z . 8.50 0.59 -30.04
C3D AP0 Z . 8.52 0.33 -32.49
O3D AP0 Z . 9.35 1.48 -32.31
O4D AP0 Z . 6.20 -0.07 -32.60
C4D AP0 Z . 7.23 0.72 -33.22
C5D AP0 Z . 7.22 0.47 -34.72
O5D AP0 Z . 5.95 0.87 -35.28
PN AP0 Z . 5.73 1.12 -36.85
O1N AP0 Z . 6.35 0.02 -37.61
O2N AP0 Z . 4.30 1.45 -37.10
O3 AP0 Z . 6.58 2.45 -37.07
PA AP0 Z . 6.80 3.46 -38.29
O1A AP0 Z . 6.81 2.74 -39.57
O2A AP0 Z . 7.95 4.30 -37.93
O5B AP0 Z . 5.47 4.35 -38.34
C5B AP0 Z . 4.95 4.94 -37.11
C4B AP0 Z . 3.68 5.69 -37.41
O4B AP0 Z . 3.93 6.79 -38.32
C1B AP0 Z . 3.17 6.62 -39.51
C2B AP0 Z . 2.80 5.13 -39.55
O2B AP0 Z . 1.63 4.94 -40.33
C3B AP0 Z . 2.59 4.85 -38.06
O3B AP0 Z . 1.31 5.29 -37.62
N9A AP0 Z . 3.97 7.05 -40.64
C8A AP0 Z . 5.31 6.84 -40.85
N7A AP0 Z . 5.76 7.37 -41.96
C5A AP0 Z . 4.65 7.97 -42.52
C6A AP0 Z . 4.47 8.68 -43.71
N6A AP0 Z . 5.45 8.97 -44.57
C4A AP0 Z . 3.54 7.79 -41.72
N3A AP0 Z . 2.29 8.20 -41.97
C2A AP0 Z . 2.24 8.86 -43.13
N1A AP0 Z . 3.23 9.13 -44.00
C1 GOL AA . -9.12 16.51 -19.19
O1 GOL AA . -9.89 17.18 -20.20
C2 GOL AA . -8.60 17.49 -18.17
O2 GOL AA . -9.66 17.82 -17.26
C3 GOL AA . -8.05 18.75 -18.80
O3 GOL AA . -7.03 19.34 -18.01
C1 GOL BA . -14.15 16.18 -45.19
O1 GOL BA . -14.15 16.18 -43.77
C2 GOL BA . -13.39 17.37 -45.74
O2 GOL BA . -12.07 17.41 -45.21
C3 GOL BA . -13.29 17.39 -47.25
O3 GOL BA . -12.58 16.26 -47.76
S SO4 CA . -28.05 8.83 -31.13
O1 SO4 CA . -27.71 10.15 -30.62
O2 SO4 CA . -29.39 8.83 -31.70
O3 SO4 CA . -27.10 8.48 -32.16
O4 SO4 CA . -27.99 7.87 -30.07
NA NA DA . -27.07 11.95 -18.31
NA NA EA . -18.84 2.37 -41.65
NA NA FA . -9.11 18.24 -8.67
#